data_4IXN
#
_entry.id   4IXN
#
_cell.length_a   56.071
_cell.length_b   68.436
_cell.length_c   77.699
_cell.angle_alpha   90.00
_cell.angle_beta   104.23
_cell.angle_gamma   90.00
#
_symmetry.space_group_name_H-M   'P 1 21 1'
#
loop_
_entity.id
_entity.type
_entity.pdbx_description
1 polymer 'Uncharacterized GTP-binding protein YjiA'
2 non-polymer 'ZINC ION'
3 non-polymer 'SULFATE ION'
4 water water
#
_entity_poly.entity_id   1
_entity_poly.type   'polypeptide(L)'
_entity_poly.pdbx_seq_one_letter_code
;MNPIAVTLLTGFLGAGKTTLLRHILNEQHGYKIAVIANEFGEVSVDDQLIGDRATQIKTLTNGCIAASRSNELEDALLDL
LDNLDKGNIQFDRLVIECTGMADPGPIIQTFFSHEVLCQRYLLDGVIALVDAVHADEQMNQFTIAQSQVGYADRILLTKT
DVAGEAEKLHERLARINARAPVYTVTHGDIDLGLLFNTNGFMLEENVVSTKPRFHFIADKQNDISSIVVELDYPVDISEV
SRVMENLLLESADKLLRYKGMLWIDGEPNRLLFQGVQRLYSADWDRPWGDEKPHSTMVFIGIQLPEEEIRAAFAGLRK
;
_entity_poly.pdbx_strand_id   A,B
#
loop_
_chem_comp.id
_chem_comp.type
_chem_comp.name
_chem_comp.formula
SO4 non-polymer 'SULFATE ION' 'O4 S -2'
ZN non-polymer 'ZINC ION' 'Zn 2'
#
# COMPACT_ATOMS: atom_id res chain seq x y z
N MET A 1 24.04 7.24 21.00
CA MET A 1 23.14 7.35 19.87
C MET A 1 21.72 7.64 20.34
N ASN A 2 21.02 8.51 19.62
CA ASN A 2 19.65 8.89 19.96
C ASN A 2 18.75 8.89 18.72
N PRO A 3 17.72 8.04 18.72
CA PRO A 3 16.88 7.80 17.54
C PRO A 3 16.15 9.05 17.03
N ILE A 4 16.07 9.17 15.70
CA ILE A 4 15.36 10.26 15.07
C ILE A 4 13.85 10.04 15.16
N ALA A 5 13.14 11.03 15.67
CA ALA A 5 11.68 10.92 15.80
C ALA A 5 11.02 11.11 14.44
N VAL A 6 10.26 10.10 14.02
CA VAL A 6 9.66 10.09 12.71
C VAL A 6 8.16 10.35 12.78
N THR A 7 7.70 11.34 12.00
CA THR A 7 6.29 11.68 11.92
C THR A 7 5.77 11.42 10.51
N LEU A 8 4.68 10.67 10.42
CA LEU A 8 4.03 10.44 9.13
C LEU A 8 2.83 11.38 9.00
N LEU A 9 2.85 12.21 7.97
CA LEU A 9 1.80 13.18 7.73
C LEU A 9 0.89 12.69 6.61
N THR A 10 -0.35 12.39 6.95
CA THR A 10 -1.28 11.84 5.99
C THR A 10 -2.59 12.62 5.97
N GLY A 11 -3.52 12.22 5.10
CA GLY A 11 -4.78 12.91 4.96
C GLY A 11 -4.94 13.34 3.50
N PHE A 12 -6.17 13.66 3.11
N PHE A 12 -6.16 13.69 3.11
CA PHE A 12 -6.43 14.07 1.73
CA PHE A 12 -6.35 14.25 1.78
C PHE A 12 -5.85 15.45 1.44
C PHE A 12 -5.70 15.63 1.69
N LEU A 13 -5.46 15.67 0.18
N LEU A 13 -4.70 15.74 0.83
CA LEU A 13 -4.76 16.88 -0.21
CA LEU A 13 -3.79 16.89 0.75
C LEU A 13 -5.55 18.16 0.07
C LEU A 13 -4.41 18.27 0.95
N GLY A 14 -4.83 19.24 0.31
N GLY A 14 -5.64 18.45 0.49
CA GLY A 14 -5.46 20.53 0.59
CA GLY A 14 -6.33 19.73 0.62
C GLY A 14 -4.42 21.63 0.79
C GLY A 14 -6.90 19.98 1.99
N ALA A 15 -4.89 22.86 0.89
N ALA A 15 -6.23 19.48 3.02
CA ALA A 15 -4.01 24.01 1.10
CA ALA A 15 -6.70 19.63 4.40
C ALA A 15 -3.52 24.05 2.54
C ALA A 15 -5.78 20.55 5.19
N GLY A 16 -4.18 23.32 3.42
N GLY A 16 -4.97 21.33 4.49
CA GLY A 16 -3.78 23.23 4.82
CA GLY A 16 -4.07 22.28 5.13
C GLY A 16 -2.46 22.50 4.97
C GLY A 16 -2.65 21.79 5.18
N LYS A 17 -2.33 21.36 4.30
N LYS A 17 -2.27 20.96 4.20
CA LYS A 17 -1.08 20.62 4.27
CA LYS A 17 -0.93 20.40 4.15
C LYS A 17 0.00 21.46 3.61
C LYS A 17 0.07 21.37 3.54
N THR A 18 -0.35 22.04 2.46
CA THR A 18 0.55 22.91 1.71
C THR A 18 1.14 24.03 2.56
N THR A 19 0.27 24.75 3.28
CA THR A 19 0.73 25.80 4.18
C THR A 19 1.62 25.22 5.27
N LEU A 20 1.20 24.07 5.80
CA LEU A 20 1.95 23.39 6.85
C LEU A 20 3.32 22.96 6.36
N LEU A 21 3.37 22.35 5.18
CA LEU A 21 4.62 21.93 4.57
C LEU A 21 5.50 23.14 4.23
N ARG A 22 4.87 24.20 3.74
CA ARG A 22 5.58 25.44 3.43
C ARG A 22 6.15 26.06 4.70
N HIS A 23 5.39 25.96 5.80
CA HIS A 23 5.81 26.52 7.07
C HIS A 23 7.03 25.80 7.64
N ILE A 24 7.03 24.47 7.52
CA ILE A 24 8.13 23.65 8.02
C ILE A 24 9.42 23.97 7.29
N LEU A 25 9.34 24.04 5.96
CA LEU A 25 10.51 24.17 5.11
C LEU A 25 11.07 25.59 5.06
N ASN A 26 10.26 26.58 5.41
CA ASN A 26 10.64 27.98 5.21
C ASN A 26 10.83 28.81 6.48
N GLU A 27 9.95 28.64 7.46
CA GLU A 27 9.96 29.50 8.64
C GLU A 27 11.03 29.10 9.66
N GLN A 28 11.44 30.05 10.50
CA GLN A 28 12.42 29.79 11.54
C GLN A 28 11.69 29.36 12.81
N HIS A 29 11.45 28.06 12.93
CA HIS A 29 10.65 27.53 14.02
C HIS A 29 11.47 26.87 15.12
N GLY A 30 12.76 26.64 14.87
CA GLY A 30 13.65 26.11 15.87
C GLY A 30 13.73 24.59 15.91
N TYR A 31 13.00 23.94 15.01
CA TYR A 31 13.05 22.48 14.90
C TYR A 31 14.09 22.07 13.87
N LYS A 32 14.79 20.97 14.13
CA LYS A 32 15.74 20.42 13.17
C LYS A 32 15.08 19.26 12.43
N ILE A 33 14.35 19.58 11.36
CA ILE A 33 13.50 18.62 10.68
C ILE A 33 13.99 18.27 9.28
N ALA A 34 14.03 16.99 8.96
CA ALA A 34 14.22 16.54 7.59
C ALA A 34 12.86 16.18 7.02
N VAL A 35 12.56 16.67 5.82
CA VAL A 35 11.27 16.41 5.20
C VAL A 35 11.40 15.57 3.93
N ILE A 36 10.69 14.45 3.89
CA ILE A 36 10.63 13.66 2.67
C ILE A 36 9.28 13.87 2.01
N ALA A 37 9.31 14.34 0.76
CA ALA A 37 8.08 14.62 0.03
C ALA A 37 8.30 14.51 -1.48
N ASN A 38 7.21 14.53 -2.23
CA ASN A 38 7.29 14.47 -3.68
C ASN A 38 7.69 15.83 -4.24
N GLU A 39 6.93 16.85 -3.85
CA GLU A 39 7.22 18.22 -4.27
C GLU A 39 7.51 19.10 -3.06
N PHE A 40 8.48 20.00 -3.21
CA PHE A 40 8.84 20.92 -2.14
C PHE A 40 8.44 22.35 -2.49
N GLY A 41 8.44 22.66 -3.79
CA GLY A 41 8.10 23.99 -4.26
C GLY A 41 9.24 24.97 -4.04
N GLU A 42 8.93 26.25 -4.16
CA GLU A 42 9.94 27.29 -3.97
C GLU A 42 10.36 27.37 -2.51
N VAL A 43 11.56 26.89 -2.23
CA VAL A 43 12.14 26.99 -0.88
C VAL A 43 13.58 27.45 -0.99
N SER A 44 13.99 28.35 -0.11
CA SER A 44 15.35 28.86 -0.12
C SER A 44 16.36 27.78 0.27
N VAL A 45 17.13 27.33 -0.72
CA VAL A 45 18.09 26.24 -0.51
C VAL A 45 19.49 26.78 -0.23
N ASP A 46 20.07 26.36 0.89
CA ASP A 46 21.43 26.75 1.24
C ASP A 46 22.47 25.91 0.50
N ASP A 47 22.32 24.59 0.58
CA ASP A 47 23.26 23.68 -0.05
C ASP A 47 22.53 22.42 -0.54
N GLN A 48 23.22 21.62 -1.35
CA GLN A 48 22.61 20.42 -1.92
C GLN A 48 23.66 19.34 -2.19
N LEU A 49 23.31 18.10 -1.86
CA LEU A 49 24.17 16.95 -2.14
C LEU A 49 23.36 15.78 -2.65
N ILE A 50 24.02 14.85 -3.32
CA ILE A 50 23.38 13.63 -3.79
C ILE A 50 23.93 12.44 -2.99
N GLY A 51 23.04 11.70 -2.35
CA GLY A 51 23.44 10.54 -1.58
C GLY A 51 23.97 9.42 -2.45
N ASP A 52 24.60 8.43 -1.82
CA ASP A 52 25.16 7.29 -2.54
C ASP A 52 24.09 6.48 -3.26
N ARG A 53 22.85 6.63 -2.82
CA ARG A 53 21.71 5.93 -3.43
C ARG A 53 20.85 6.90 -4.25
N ALA A 54 21.49 7.97 -4.72
CA ALA A 54 20.88 8.96 -5.62
C ALA A 54 19.81 9.86 -4.98
N THR A 55 19.78 9.89 -3.65
CA THR A 55 18.84 10.78 -2.96
C THR A 55 19.28 12.23 -3.05
N GLN A 56 18.40 13.08 -3.56
CA GLN A 56 18.64 14.51 -3.58
C GLN A 56 18.33 15.14 -2.23
N ILE A 57 19.38 15.58 -1.55
CA ILE A 57 19.28 16.13 -0.20
C ILE A 57 19.66 17.60 -0.14
N LYS A 58 18.68 18.45 0.15
CA LYS A 58 18.91 19.89 0.21
C LYS A 58 18.86 20.41 1.64
N THR A 59 19.81 21.29 1.97
CA THR A 59 19.81 21.99 3.25
C THR A 59 19.19 23.37 3.07
N LEU A 60 18.17 23.67 3.88
CA LEU A 60 17.43 24.92 3.72
C LEU A 60 17.96 26.04 4.61
N THR A 61 17.54 27.27 4.32
CA THR A 61 18.02 28.44 5.03
C THR A 61 17.59 28.42 6.50
N ASN A 62 16.45 27.81 6.78
CA ASN A 62 15.95 27.69 8.14
C ASN A 62 16.61 26.52 8.90
N GLY A 63 17.54 25.85 8.24
CA GLY A 63 18.28 24.77 8.87
C GLY A 63 17.68 23.39 8.60
N CYS A 64 16.45 23.36 8.12
CA CYS A 64 15.78 22.10 7.83
C CYS A 64 16.33 21.45 6.55
N ILE A 65 15.96 20.20 6.34
CA ILE A 65 16.46 19.41 5.21
C ILE A 65 15.30 18.93 4.34
N ALA A 66 15.45 19.07 3.03
CA ALA A 66 14.45 18.55 2.09
C ALA A 66 15.05 17.43 1.25
N ALA A 67 14.53 16.22 1.43
CA ALA A 67 15.04 15.06 0.71
C ALA A 67 14.01 14.43 -0.20
N SER A 68 14.40 14.16 -1.43
CA SER A 68 13.52 13.51 -2.38
CA SER A 68 13.52 13.50 -2.39
CA SER A 68 13.52 13.50 -2.39
C SER A 68 13.41 12.01 -2.08
N ARG A 69 12.42 11.37 -2.67
CA ARG A 69 12.27 9.93 -2.50
C ARG A 69 11.98 9.25 -3.83
N SER A 70 12.44 8.01 -3.95
CA SER A 70 12.13 7.20 -5.13
C SER A 70 11.04 6.21 -4.74
N ASN A 71 10.89 5.15 -5.51
CA ASN A 71 9.91 4.13 -5.17
C ASN A 71 10.34 3.31 -3.95
N GLU A 72 11.64 3.37 -3.65
CA GLU A 72 12.17 2.68 -2.47
C GLU A 72 12.54 3.66 -1.37
N LEU A 73 11.66 3.78 -0.38
CA LEU A 73 11.86 4.72 0.73
C LEU A 73 13.14 4.48 1.51
N GLU A 74 13.58 3.23 1.56
CA GLU A 74 14.81 2.87 2.25
C GLU A 74 16.00 3.70 1.78
N ASP A 75 16.06 3.94 0.48
CA ASP A 75 17.18 4.67 -0.11
C ASP A 75 17.38 6.04 0.51
N ALA A 76 16.30 6.80 0.65
CA ALA A 76 16.37 8.11 1.28
C ALA A 76 16.73 8.00 2.76
N LEU A 77 16.10 7.06 3.45
CA LEU A 77 16.32 6.86 4.88
C LEU A 77 17.78 6.54 5.20
N LEU A 78 18.39 5.72 4.36
CA LEU A 78 19.77 5.32 4.55
C LEU A 78 20.75 6.43 4.14
N ASP A 79 20.41 7.14 3.07
CA ASP A 79 21.24 8.26 2.61
C ASP A 79 21.25 9.40 3.63
N LEU A 80 20.13 9.61 4.28
CA LEU A 80 20.03 10.63 5.33
C LEU A 80 20.94 10.29 6.50
N LEU A 81 20.95 9.02 6.90
CA LEU A 81 21.82 8.54 7.97
C LEU A 81 23.30 8.71 7.61
N ASP A 82 23.67 8.30 6.40
CA ASP A 82 25.05 8.41 5.94
C ASP A 82 25.57 9.84 6.05
N ASN A 83 24.80 10.80 5.56
CA ASN A 83 25.20 12.20 5.55
C ASN A 83 25.07 12.85 6.92
N LEU A 84 24.24 12.26 7.77
CA LEU A 84 24.16 12.67 9.17
C LEU A 84 25.44 12.26 9.88
N ASP A 85 25.83 11.00 9.73
CA ASP A 85 27.00 10.47 10.40
C ASP A 85 28.30 11.07 9.87
N LYS A 86 28.29 11.53 8.63
CA LYS A 86 29.46 12.16 8.02
C LYS A 86 29.55 13.63 8.38
N GLY A 87 28.48 14.17 8.97
CA GLY A 87 28.45 15.57 9.38
C GLY A 87 28.02 16.52 8.28
N ASN A 88 27.50 15.97 7.19
CA ASN A 88 27.03 16.79 6.08
C ASN A 88 25.71 17.49 6.38
N ILE A 89 24.84 16.82 7.15
CA ILE A 89 23.56 17.40 7.55
C ILE A 89 23.27 17.13 9.02
N GLN A 90 22.34 17.89 9.60
CA GLN A 90 21.96 17.72 11.00
C GLN A 90 20.45 17.85 11.18
N PHE A 91 19.84 16.82 11.78
CA PHE A 91 18.41 16.82 12.08
C PHE A 91 18.10 15.74 13.11
N ASP A 92 17.02 15.93 13.86
CA ASP A 92 16.59 14.94 14.84
C ASP A 92 15.12 14.59 14.70
N ARG A 93 14.48 15.13 13.67
CA ARG A 93 13.10 14.79 13.36
C ARG A 93 12.95 14.56 11.86
N LEU A 94 12.13 13.59 11.51
CA LEU A 94 11.85 13.30 10.11
C LEU A 94 10.35 13.35 9.87
N VAL A 95 9.93 14.17 8.91
CA VAL A 95 8.53 14.23 8.52
C VAL A 95 8.38 13.67 7.12
N ILE A 96 7.52 12.66 6.97
CA ILE A 96 7.28 12.08 5.67
C ILE A 96 5.86 12.36 5.19
N GLU A 97 5.74 12.98 4.02
CA GLU A 97 4.44 13.25 3.45
C GLU A 97 3.85 12.01 2.78
N CYS A 98 2.67 11.62 3.23
CA CYS A 98 1.93 10.52 2.60
C CYS A 98 0.48 10.94 2.52
N THR A 99 0.24 12.11 1.94
CA THR A 99 -1.09 12.63 1.76
C THR A 99 -1.70 12.16 0.43
N GLY A 100 -2.88 12.68 0.11
CA GLY A 100 -3.54 12.32 -1.12
C GLY A 100 -4.04 10.89 -1.11
N MET A 101 -3.59 10.11 -2.09
CA MET A 101 -4.05 8.73 -2.24
C MET A 101 -3.06 7.75 -1.61
N ALA A 102 -2.06 8.29 -0.92
CA ALA A 102 -1.00 7.46 -0.34
C ALA A 102 -1.47 6.59 0.82
N ASP A 103 -0.91 5.39 0.89
CA ASP A 103 -1.21 4.43 1.93
C ASP A 103 -0.08 4.46 2.97
N PRO A 104 -0.41 4.83 4.21
CA PRO A 104 0.56 4.88 5.32
C PRO A 104 1.15 3.50 5.66
N GLY A 105 0.44 2.44 5.29
CA GLY A 105 0.84 1.08 5.61
C GLY A 105 2.26 0.68 5.24
N PRO A 106 2.58 0.69 3.95
CA PRO A 106 3.92 0.31 3.49
C PRO A 106 5.01 1.22 4.05
N ILE A 107 4.66 2.47 4.30
CA ILE A 107 5.62 3.42 4.85
C ILE A 107 5.99 3.05 6.28
N ILE A 108 4.97 2.72 7.08
CA ILE A 108 5.20 2.27 8.44
C ILE A 108 6.11 1.03 8.46
N GLN A 109 5.79 0.05 7.63
CA GLN A 109 6.54 -1.21 7.58
C GLN A 109 8.02 -1.01 7.26
N THR A 110 8.33 0.03 6.49
CA THR A 110 9.71 0.32 6.11
C THR A 110 10.58 0.52 7.34
N PHE A 111 10.00 1.12 8.38
CA PHE A 111 10.75 1.43 9.59
C PHE A 111 11.00 0.21 10.49
N PHE A 112 10.43 -0.93 10.12
CA PHE A 112 10.68 -2.18 10.82
C PHE A 112 11.43 -3.16 9.94
N SER A 113 11.75 -2.75 8.71
CA SER A 113 12.28 -3.65 7.71
C SER A 113 13.72 -4.11 7.97
N HIS A 114 14.52 -3.26 8.60
CA HIS A 114 15.92 -3.59 8.87
C HIS A 114 16.39 -3.06 10.23
N GLU A 115 17.42 -3.71 10.78
CA GLU A 115 17.91 -3.40 12.11
C GLU A 115 18.42 -1.96 12.25
N VAL A 116 19.18 -1.50 11.26
CA VAL A 116 19.71 -0.14 11.28
C VAL A 116 18.58 0.90 11.35
N LEU A 117 17.49 0.63 10.64
CA LEU A 117 16.34 1.52 10.66
C LEU A 117 15.61 1.45 11.99
N CYS A 118 15.51 0.25 12.55
CA CYS A 118 14.88 0.06 13.86
C CYS A 118 15.64 0.76 14.98
N GLN A 119 16.95 0.89 14.81
CA GLN A 119 17.78 1.49 15.85
C GLN A 119 18.00 2.99 15.68
N ARG A 120 18.11 3.46 14.45
CA ARG A 120 18.39 4.87 14.19
C ARG A 120 17.13 5.72 14.08
N TYR A 121 16.04 5.11 13.65
CA TYR A 121 14.77 5.81 13.52
C TYR A 121 13.76 5.29 14.53
N LEU A 122 12.93 6.19 15.06
CA LEU A 122 11.87 5.78 15.98
C LEU A 122 10.56 6.41 15.53
N LEU A 123 9.65 5.57 15.05
CA LEU A 123 8.34 6.04 14.64
C LEU A 123 7.61 6.63 15.81
N ASP A 124 7.32 7.92 15.74
CA ASP A 124 6.58 8.58 16.81
C ASP A 124 5.08 8.44 16.62
N GLY A 125 4.60 8.74 15.40
CA GLY A 125 3.17 8.64 15.17
C GLY A 125 2.68 8.98 13.77
N VAL A 126 1.42 8.66 13.53
CA VAL A 126 0.77 9.02 12.28
C VAL A 126 -0.21 10.16 12.54
N ILE A 127 -0.02 11.26 11.82
CA ILE A 127 -0.88 12.42 11.94
C ILE A 127 -1.79 12.52 10.73
N ALA A 128 -3.10 12.48 10.96
CA ALA A 128 -4.08 12.59 9.88
C ALA A 128 -4.71 13.99 9.82
N LEU A 129 -4.46 14.70 8.73
CA LEU A 129 -5.11 15.98 8.50
C LEU A 129 -6.49 15.73 7.91
N VAL A 130 -7.50 16.33 8.53
CA VAL A 130 -8.87 16.12 8.08
C VAL A 130 -9.55 17.46 7.81
N ASP A 131 -10.07 17.60 6.59
CA ASP A 131 -10.77 18.82 6.19
C ASP A 131 -12.24 18.69 6.56
N ALA A 132 -12.69 19.48 7.53
CA ALA A 132 -14.05 19.37 8.04
C ALA A 132 -15.13 19.61 6.98
N VAL A 133 -14.79 20.39 5.97
CA VAL A 133 -15.72 20.72 4.91
C VAL A 133 -15.93 19.54 3.94
N HIS A 134 -14.85 18.84 3.60
CA HIS A 134 -14.91 17.84 2.54
C HIS A 134 -14.77 16.39 3.00
N ALA A 135 -14.48 16.19 4.27
CA ALA A 135 -14.13 14.86 4.79
C ALA A 135 -15.21 13.80 4.56
N ASP A 136 -16.46 14.15 4.82
CA ASP A 136 -17.56 13.20 4.66
C ASP A 136 -17.66 12.69 3.23
N GLU A 137 -17.59 13.59 2.27
CA GLU A 137 -17.65 13.23 0.85
C GLU A 137 -16.46 12.38 0.44
N GLN A 138 -15.27 12.78 0.90
CA GLN A 138 -14.05 12.07 0.57
C GLN A 138 -14.06 10.64 1.14
N MET A 139 -14.51 10.50 2.38
CA MET A 139 -14.55 9.19 3.01
C MET A 139 -15.65 8.30 2.42
N ASN A 140 -16.71 8.92 1.90
CA ASN A 140 -17.76 8.15 1.24
C ASN A 140 -17.26 7.60 -0.09
N GLN A 141 -16.37 8.34 -0.74
CA GLN A 141 -15.90 8.00 -2.08
C GLN A 141 -14.64 7.14 -2.09
N PHE A 142 -13.71 7.42 -1.17
CA PHE A 142 -12.41 6.74 -1.16
C PHE A 142 -12.13 6.00 0.13
N THR A 143 -11.92 4.68 0.02
CA THR A 143 -11.57 3.86 1.18
C THR A 143 -10.32 4.39 1.87
N ILE A 144 -9.36 4.84 1.06
CA ILE A 144 -8.07 5.30 1.59
C ILE A 144 -8.22 6.50 2.51
N ALA A 145 -9.26 7.30 2.29
CA ALA A 145 -9.55 8.42 3.17
C ALA A 145 -9.90 7.94 4.58
N GLN A 146 -10.66 6.85 4.66
CA GLN A 146 -10.99 6.25 5.94
C GLN A 146 -9.78 5.54 6.53
N SER A 147 -8.99 4.88 5.68
CA SER A 147 -7.81 4.15 6.13
C SER A 147 -6.77 5.06 6.76
N GLN A 148 -6.55 6.22 6.14
CA GLN A 148 -5.59 7.20 6.66
C GLN A 148 -5.98 7.63 8.07
N VAL A 149 -7.27 7.88 8.28
CA VAL A 149 -7.78 8.21 9.60
C VAL A 149 -7.59 7.03 10.56
N GLY A 150 -7.80 5.82 10.05
CA GLY A 150 -7.68 4.62 10.87
C GLY A 150 -6.26 4.36 11.36
N TYR A 151 -5.27 4.79 10.58
CA TYR A 151 -3.86 4.63 10.94
C TYR A 151 -3.38 5.70 11.92
N ALA A 152 -4.17 6.74 12.13
CA ALA A 152 -3.71 7.93 12.84
C ALA A 152 -3.49 7.71 14.34
N ASP A 153 -2.49 8.40 14.88
CA ASP A 153 -2.30 8.49 16.32
C ASP A 153 -2.87 9.80 16.84
N ARG A 154 -3.03 10.76 15.93
CA ARG A 154 -3.58 12.05 16.28
C ARG A 154 -4.31 12.60 15.06
N ILE A 155 -5.52 13.09 15.25
CA ILE A 155 -6.31 13.62 14.14
C ILE A 155 -6.44 15.12 14.24
N LEU A 156 -5.99 15.83 13.20
CA LEU A 156 -6.08 17.28 13.17
C LEU A 156 -7.24 17.70 12.28
N LEU A 157 -8.31 18.15 12.93
CA LEU A 157 -9.52 18.54 12.22
C LEU A 157 -9.50 20.03 11.94
N THR A 158 -9.36 20.40 10.67
CA THR A 158 -9.23 21.79 10.29
C THR A 158 -10.50 22.34 9.65
N LYS A 159 -10.57 23.66 9.57
CA LYS A 159 -11.63 24.38 8.84
C LYS A 159 -13.02 24.20 9.44
N THR A 160 -13.09 23.97 10.74
CA THR A 160 -14.36 23.84 11.43
C THR A 160 -15.05 25.19 11.57
N ASP A 161 -14.30 26.27 11.33
CA ASP A 161 -14.86 27.61 11.37
C ASP A 161 -15.81 27.83 10.19
N VAL A 162 -15.49 27.25 9.04
CA VAL A 162 -16.34 27.36 7.86
C VAL A 162 -17.27 26.17 7.72
N ALA A 163 -16.89 25.04 8.32
CA ALA A 163 -17.73 23.85 8.30
C ALA A 163 -18.91 24.02 9.26
N GLY A 164 -18.63 24.59 10.43
CA GLY A 164 -19.64 24.80 11.44
C GLY A 164 -19.60 23.73 12.51
N GLU A 165 -20.77 23.37 13.02
CA GLU A 165 -20.88 22.33 14.03
C GLU A 165 -20.52 20.97 13.44
N ALA A 166 -19.23 20.65 13.44
CA ALA A 166 -18.75 19.39 12.88
C ALA A 166 -18.85 18.26 13.90
N GLU A 167 -19.87 18.31 14.74
CA GLU A 167 -20.07 17.29 15.77
C GLU A 167 -20.37 15.93 15.14
N LYS A 168 -21.16 15.93 14.07
CA LYS A 168 -21.45 14.71 13.34
C LYS A 168 -20.16 14.08 12.83
N LEU A 169 -19.24 14.93 12.38
CA LEU A 169 -17.95 14.49 11.89
C LEU A 169 -17.09 13.95 13.03
N HIS A 170 -17.15 14.59 14.19
CA HIS A 170 -16.42 14.12 15.36
C HIS A 170 -16.75 12.67 15.67
N GLU A 171 -18.05 12.36 15.67
CA GLU A 171 -18.52 11.02 15.97
C GLU A 171 -18.06 10.01 14.93
N ARG A 172 -18.10 10.40 13.66
CA ARG A 172 -17.67 9.50 12.59
C ARG A 172 -16.18 9.18 12.68
N LEU A 173 -15.37 10.20 12.97
CA LEU A 173 -13.93 9.99 13.13
C LEU A 173 -13.66 9.07 14.31
N ALA A 174 -14.48 9.21 15.36
CA ALA A 174 -14.34 8.40 16.55
C ALA A 174 -14.75 6.96 16.30
N ARG A 175 -15.74 6.76 15.42
CA ARG A 175 -16.17 5.42 15.06
C ARG A 175 -15.09 4.72 14.26
N ILE A 176 -14.45 5.46 13.37
CA ILE A 176 -13.35 4.94 12.55
C ILE A 176 -12.14 4.64 13.42
N ASN A 177 -11.78 5.60 14.27
CA ASN A 177 -10.59 5.50 15.08
C ASN A 177 -10.90 5.84 16.53
N ALA A 178 -11.02 4.81 17.37
CA ALA A 178 -11.31 5.04 18.78
C ALA A 178 -10.03 5.29 19.59
N ARG A 179 -8.88 5.12 18.95
CA ARG A 179 -7.57 5.35 19.56
C ARG A 179 -7.18 6.82 19.61
N ALA A 180 -7.30 7.49 18.49
CA ALA A 180 -6.68 8.79 18.29
C ALA A 180 -7.49 9.98 18.81
N PRO A 181 -6.86 10.82 19.62
CA PRO A 181 -7.51 12.07 20.03
C PRO A 181 -7.72 12.98 18.83
N VAL A 182 -8.78 13.78 18.86
CA VAL A 182 -9.07 14.73 17.79
C VAL A 182 -8.79 16.15 18.26
N TYR A 183 -7.91 16.85 17.56
CA TYR A 183 -7.66 18.26 17.84
C TYR A 183 -8.31 19.13 16.78
N THR A 184 -9.17 20.05 17.24
CA THR A 184 -9.85 20.95 16.33
C THR A 184 -8.99 22.18 16.07
N VAL A 185 -8.35 22.21 14.90
CA VAL A 185 -7.49 23.32 14.53
C VAL A 185 -8.31 24.56 14.27
N THR A 186 -8.08 25.59 15.09
CA THR A 186 -8.78 26.86 14.95
C THR A 186 -8.51 27.48 13.59
N HIS A 187 -9.41 28.38 13.18
CA HIS A 187 -9.30 29.13 11.94
C HIS A 187 -7.87 29.57 11.65
N GLY A 188 -7.33 29.12 10.53
CA GLY A 188 -5.98 29.48 10.15
C GLY A 188 -5.01 28.31 10.12
N ASP A 189 -3.75 28.59 10.43
CA ASP A 189 -2.68 27.62 10.26
C ASP A 189 -2.65 26.53 11.32
N ILE A 190 -2.17 25.36 10.93
CA ILE A 190 -1.87 24.29 11.86
C ILE A 190 -0.53 24.56 12.49
N ASP A 191 -0.48 24.62 13.81
CA ASP A 191 0.78 24.84 14.50
C ASP A 191 1.65 23.58 14.41
N LEU A 192 2.96 23.78 14.27
CA LEU A 192 3.90 22.67 14.10
C LEU A 192 3.84 21.65 15.24
N GLY A 193 3.71 22.15 16.46
CA GLY A 193 3.70 21.30 17.64
C GLY A 193 2.63 20.23 17.63
N LEU A 194 1.57 20.44 16.87
CA LEU A 194 0.47 19.48 16.78
C LEU A 194 0.88 18.19 16.05
N LEU A 195 1.99 18.23 15.33
CA LEU A 195 2.45 17.05 14.59
C LEU A 195 3.29 16.09 15.44
N PHE A 196 3.78 16.59 16.57
CA PHE A 196 4.89 15.92 17.25
C PHE A 196 4.56 15.24 18.58
N ASN A 197 5.40 14.28 18.96
CA ASN A 197 5.40 13.69 20.28
C ASN A 197 4.10 12.98 20.68
N THR A 198 3.60 12.11 19.80
CA THR A 198 2.39 11.36 20.11
C THR A 198 2.70 10.09 20.89
N ASN A 199 3.94 9.60 20.75
CA ASN A 199 4.34 8.33 21.34
C ASN A 199 3.43 7.18 20.88
N GLY A 200 2.96 7.30 19.64
CA GLY A 200 1.95 6.42 19.09
C GLY A 200 2.37 4.98 18.89
N PHE A 201 3.68 4.73 18.84
CA PHE A 201 4.17 3.38 18.58
C PHE A 201 4.83 2.74 19.81
N MET A 202 4.54 3.28 20.98
CA MET A 202 4.96 2.64 22.23
C MET A 202 3.80 1.83 22.79
N LEU A 203 4.11 0.84 23.62
CA LEU A 203 3.08 0.11 24.31
C LEU A 203 2.38 1.05 25.29
N GLU A 204 1.05 1.03 25.28
CA GLU A 204 0.25 1.94 26.09
C GLU A 204 -0.75 1.15 26.91
N GLU A 205 -1.04 1.62 28.11
CA GLU A 205 -2.07 0.99 28.93
C GLU A 205 -3.43 1.66 28.69
N ASN A 206 -3.41 2.95 28.34
CA ASN A 206 -4.64 3.66 28.02
C ASN A 206 -4.87 3.64 26.50
N VAL A 207 -5.32 2.50 25.99
CA VAL A 207 -5.39 2.30 24.54
C VAL A 207 -6.56 3.02 23.84
N VAL A 208 -7.62 3.32 24.58
CA VAL A 208 -8.77 4.01 24.01
C VAL A 208 -8.92 5.45 24.50
N SER A 209 -9.05 6.39 23.56
CA SER A 209 -9.23 7.78 23.93
C SER A 209 -10.72 8.13 23.92
N THR A 210 -11.40 7.73 22.87
CA THR A 210 -12.85 7.96 22.78
C THR A 210 -13.61 6.66 23.04
N LYS A 211 -13.90 6.40 24.32
CA LYS A 211 -14.66 5.23 24.72
C LYS A 211 -16.01 5.22 23.99
N PRO A 212 -16.29 4.14 23.25
CA PRO A 212 -17.42 4.08 22.31
C PRO A 212 -18.79 4.19 22.98
N ARG A 213 -19.70 4.90 22.32
CA ARG A 213 -21.08 5.01 22.77
C ARG A 213 -22.01 4.30 21.80
N PHE A 214 -23.30 4.35 22.07
CA PHE A 214 -24.29 3.65 21.25
C PHE A 214 -24.90 4.52 20.16
N HIS A 215 -24.52 4.26 18.91
CA HIS A 215 -25.12 4.91 17.75
C HIS A 215 -25.35 3.86 16.67
N PHE A 216 -26.19 2.87 16.97
CA PHE A 216 -26.37 1.66 16.16
C PHE A 216 -26.47 1.86 14.64
N ILE A 217 -27.22 2.87 14.21
CA ILE A 217 -27.39 3.13 12.78
C ILE A 217 -26.12 3.77 12.19
N ALA A 218 -25.61 4.79 12.88
CA ALA A 218 -24.42 5.49 12.42
C ALA A 218 -23.19 4.60 12.41
N ASP A 219 -23.20 3.56 13.25
CA ASP A 219 -22.08 2.63 13.36
C ASP A 219 -21.85 1.80 12.10
N LYS A 220 -22.73 1.95 11.12
CA LYS A 220 -22.65 1.17 9.88
C LYS A 220 -22.36 2.04 8.66
N GLN A 221 -22.00 3.29 8.90
CA GLN A 221 -21.75 4.24 7.82
C GLN A 221 -20.38 4.00 7.15
N ASN A 222 -19.44 3.46 7.92
CA ASN A 222 -18.05 3.38 7.48
C ASN A 222 -17.60 1.98 7.16
N ASP A 223 -16.59 1.88 6.28
CA ASP A 223 -16.00 0.59 5.95
C ASP A 223 -14.87 0.26 6.92
N ILE A 224 -14.17 1.29 7.38
CA ILE A 224 -13.15 1.13 8.41
C ILE A 224 -13.75 1.49 9.77
N SER A 225 -13.62 0.59 10.74
CA SER A 225 -14.14 0.90 12.07
C SER A 225 -13.26 0.34 13.16
N SER A 226 -13.52 0.78 14.39
CA SER A 226 -12.80 0.30 15.54
C SER A 226 -13.67 -0.68 16.29
N ILE A 227 -13.07 -1.79 16.71
CA ILE A 227 -13.72 -2.72 17.62
C ILE A 227 -13.06 -2.60 18.96
N VAL A 228 -13.82 -2.18 19.97
CA VAL A 228 -13.29 -2.05 21.32
C VAL A 228 -13.79 -3.21 22.18
N VAL A 229 -12.84 -3.97 22.74
CA VAL A 229 -13.16 -5.14 23.52
C VAL A 229 -12.73 -4.93 24.98
N GLU A 230 -13.68 -5.12 25.89
CA GLU A 230 -13.42 -4.96 27.31
C GLU A 230 -13.65 -6.29 28.02
N LEU A 231 -12.65 -6.77 28.77
CA LEU A 231 -12.84 -7.99 29.55
C LEU A 231 -12.69 -7.71 31.04
N ASP A 232 -13.65 -8.18 31.83
CA ASP A 232 -13.57 -8.07 33.28
C ASP A 232 -13.14 -9.40 33.87
N TYR A 233 -12.39 -10.18 33.09
CA TYR A 233 -11.89 -11.47 33.53
C TYR A 233 -10.49 -11.74 32.98
N PRO A 234 -9.65 -12.43 33.76
CA PRO A 234 -8.30 -12.76 33.31
C PRO A 234 -8.33 -13.89 32.29
N VAL A 235 -7.29 -13.98 31.47
CA VAL A 235 -7.23 -15.02 30.45
C VAL A 235 -5.92 -15.82 30.53
N ASP A 236 -5.94 -17.04 30.00
CA ASP A 236 -4.73 -17.87 29.97
C ASP A 236 -3.80 -17.35 28.88
N ILE A 237 -2.51 -17.30 29.18
CA ILE A 237 -1.56 -16.67 28.27
C ILE A 237 -1.40 -17.48 26.97
N SER A 238 -1.54 -18.79 27.07
CA SER A 238 -1.44 -19.65 25.89
C SER A 238 -2.70 -19.52 25.04
N GLU A 239 -3.85 -19.47 25.69
CA GLU A 239 -5.13 -19.44 24.99
C GLU A 239 -5.37 -18.12 24.24
N VAL A 240 -5.08 -17.00 24.90
CA VAL A 240 -5.26 -15.70 24.28
C VAL A 240 -4.21 -15.49 23.19
N SER A 241 -3.09 -16.18 23.32
CA SER A 241 -2.04 -16.13 22.30
C SER A 241 -2.56 -16.82 21.05
N ARG A 242 -3.28 -17.93 21.23
CA ARG A 242 -3.87 -18.65 20.11
C ARG A 242 -4.97 -17.84 19.44
N VAL A 243 -5.81 -17.20 20.26
CA VAL A 243 -6.90 -16.37 19.74
C VAL A 243 -6.37 -15.24 18.86
N MET A 244 -5.37 -14.53 19.38
CA MET A 244 -4.77 -13.41 18.65
C MET A 244 -4.17 -13.87 17.33
N GLU A 245 -3.41 -14.95 17.35
CA GLU A 245 -2.76 -15.45 16.14
C GLU A 245 -3.77 -15.86 15.07
N ASN A 246 -4.85 -16.52 15.48
CA ASN A 246 -5.92 -16.86 14.55
C ASN A 246 -6.61 -15.61 14.00
N LEU A 247 -6.85 -14.65 14.90
CA LEU A 247 -7.49 -13.39 14.56
C LEU A 247 -6.68 -12.64 13.52
N LEU A 248 -5.39 -12.50 13.78
CA LEU A 248 -4.49 -11.78 12.89
C LEU A 248 -4.39 -12.46 11.52
N LEU A 249 -4.35 -13.78 11.52
CA LEU A 249 -4.21 -14.54 10.28
C LEU A 249 -5.48 -14.47 9.44
N GLU A 250 -6.62 -14.38 10.12
CA GLU A 250 -7.91 -14.32 9.45
C GLU A 250 -8.12 -12.98 8.76
N SER A 251 -7.72 -11.90 9.46
CA SER A 251 -7.96 -10.55 8.96
C SER A 251 -6.67 -9.80 8.63
N ALA A 252 -5.65 -10.53 8.16
CA ALA A 252 -4.33 -9.97 7.91
C ALA A 252 -4.32 -8.75 6.98
N ASP A 253 -5.03 -8.85 5.86
CA ASP A 253 -5.09 -7.76 4.89
C ASP A 253 -6.08 -6.66 5.31
N LYS A 254 -6.81 -6.89 6.39
CA LYS A 254 -7.86 -5.97 6.82
C LYS A 254 -7.44 -5.09 7.99
N LEU A 255 -6.56 -5.61 8.84
CA LEU A 255 -6.19 -4.90 10.05
C LEU A 255 -5.21 -3.76 9.76
N LEU A 256 -5.55 -2.57 10.25
CA LEU A 256 -4.68 -1.42 10.10
C LEU A 256 -3.80 -1.25 11.33
N ARG A 257 -4.44 -1.09 12.49
CA ARG A 257 -3.70 -0.98 13.75
C ARG A 257 -4.52 -1.55 14.90
N TYR A 258 -3.80 -2.01 15.93
CA TYR A 258 -4.44 -2.61 17.09
C TYR A 258 -3.53 -2.52 18.31
N LYS A 259 -4.12 -2.23 19.46
CA LYS A 259 -3.38 -2.14 20.71
C LYS A 259 -4.24 -2.70 21.84
N GLY A 260 -3.60 -3.12 22.91
CA GLY A 260 -4.34 -3.69 24.02
C GLY A 260 -3.57 -3.78 25.33
N MET A 261 -4.31 -3.85 26.42
CA MET A 261 -3.76 -4.12 27.73
C MET A 261 -4.50 -5.35 28.23
N LEU A 262 -3.76 -6.35 28.68
CA LEU A 262 -4.36 -7.64 29.04
C LEU A 262 -4.16 -8.03 30.49
N TRP A 263 -5.23 -8.54 31.09
CA TRP A 263 -5.18 -9.16 32.40
C TRP A 263 -4.90 -10.64 32.19
N ILE A 264 -3.70 -11.08 32.55
CA ILE A 264 -3.30 -12.47 32.37
C ILE A 264 -3.46 -13.25 33.67
N ASP A 265 -4.08 -14.42 33.58
CA ASP A 265 -4.37 -15.26 34.73
C ASP A 265 -3.08 -15.63 35.45
N GLY A 266 -2.97 -15.26 36.72
CA GLY A 266 -1.84 -15.63 37.54
C GLY A 266 -0.65 -14.68 37.46
N GLU A 267 -0.77 -13.65 36.63
CA GLU A 267 0.31 -12.69 36.44
C GLU A 267 -0.03 -11.31 37.01
N PRO A 268 0.84 -10.79 37.90
CA PRO A 268 0.63 -9.53 38.62
C PRO A 268 0.91 -8.29 37.76
N ASN A 269 1.52 -8.48 36.59
CA ASN A 269 1.83 -7.35 35.72
C ASN A 269 0.90 -7.29 34.51
N ARG A 270 0.63 -6.08 34.05
CA ARG A 270 -0.14 -5.85 32.83
C ARG A 270 0.63 -6.42 31.65
N LEU A 271 -0.09 -7.01 30.69
CA LEU A 271 0.51 -7.37 29.43
C LEU A 271 0.02 -6.42 28.35
N LEU A 272 0.93 -5.68 27.75
CA LEU A 272 0.57 -4.71 26.71
C LEU A 272 0.97 -5.26 25.35
N PHE A 273 0.14 -4.99 24.34
CA PHE A 273 0.52 -5.33 22.97
C PHE A 273 0.15 -4.22 21.99
N GLN A 274 0.75 -4.28 20.81
CA GLN A 274 0.44 -3.35 19.75
C GLN A 274 0.82 -3.99 18.42
N GLY A 275 0.14 -3.59 17.36
CA GLY A 275 0.43 -4.12 16.05
C GLY A 275 0.01 -3.20 14.91
N VAL A 276 0.65 -3.40 13.76
CA VAL A 276 0.28 -2.72 12.53
C VAL A 276 0.23 -3.78 11.43
N GLN A 277 -0.95 -3.99 10.85
CA GLN A 277 -1.17 -5.06 9.88
C GLN A 277 -0.64 -6.41 10.40
N ARG A 278 0.35 -6.99 9.74
CA ARG A 278 0.84 -8.30 10.14
C ARG A 278 1.86 -8.26 11.28
N LEU A 279 2.45 -7.10 11.53
CA LEU A 279 3.49 -6.98 12.56
C LEU A 279 2.95 -6.64 13.94
N TYR A 280 3.12 -7.55 14.89
CA TYR A 280 2.65 -7.33 16.26
C TYR A 280 3.71 -7.71 17.29
N SER A 281 3.62 -7.09 18.47
CA SER A 281 4.55 -7.37 19.56
C SER A 281 3.89 -7.12 20.92
N ALA A 282 4.43 -7.77 21.95
CA ALA A 282 3.88 -7.66 23.30
C ALA A 282 4.98 -7.73 24.35
N ASP A 283 4.71 -7.12 25.50
CA ASP A 283 5.66 -7.15 26.61
C ASP A 283 4.94 -6.82 27.92
N TRP A 284 5.51 -7.27 29.03
CA TRP A 284 4.95 -6.99 30.34
C TRP A 284 5.21 -5.55 30.73
N ASP A 285 4.31 -4.98 31.54
CA ASP A 285 4.44 -3.59 31.92
C ASP A 285 4.16 -3.40 33.41
N ARG A 286 3.53 -2.28 33.73
CA ARG A 286 3.28 -1.86 35.09
C ARG A 286 2.49 -2.90 35.87
N PRO A 287 2.94 -3.23 37.10
CA PRO A 287 2.15 -4.12 37.94
C PRO A 287 0.76 -3.57 38.19
N TRP A 288 -0.21 -4.44 38.42
CA TRP A 288 -1.58 -4.01 38.69
C TRP A 288 -1.65 -3.23 40.00
N GLY A 289 -1.06 -3.77 41.04
CA GLY A 289 -1.07 -3.13 42.35
C GLY A 289 -2.45 -3.17 42.98
N ASP A 290 -2.92 -2.02 43.43
CA ASP A 290 -4.24 -1.91 44.04
C ASP A 290 -5.31 -1.59 43.01
N GLU A 291 -4.88 -1.27 41.80
CA GLU A 291 -5.81 -0.97 40.71
C GLU A 291 -6.54 -2.24 40.26
N LYS A 292 -7.83 -2.09 40.00
CA LYS A 292 -8.64 -3.24 39.56
C LYS A 292 -8.21 -3.70 38.18
N PRO A 293 -7.83 -4.98 38.07
CA PRO A 293 -7.36 -5.58 36.82
C PRO A 293 -8.46 -5.71 35.78
N HIS A 294 -8.15 -5.41 34.53
CA HIS A 294 -9.10 -5.55 33.43
C HIS A 294 -8.36 -5.53 32.10
N SER A 295 -9.04 -5.95 31.04
CA SER A 295 -8.45 -5.92 29.72
C SER A 295 -9.19 -4.94 28.80
N THR A 296 -8.42 -4.17 28.06
CA THR A 296 -8.98 -3.26 27.07
C THR A 296 -8.21 -3.42 25.77
N MET A 297 -8.93 -3.69 24.69
CA MET A 297 -8.32 -3.88 23.39
C MET A 297 -9.07 -3.09 22.33
N VAL A 298 -8.34 -2.59 21.35
CA VAL A 298 -8.97 -1.88 20.25
C VAL A 298 -8.40 -2.41 18.93
N PHE A 299 -9.30 -2.78 18.01
CA PHE A 299 -8.89 -3.29 16.71
C PHE A 299 -9.47 -2.39 15.63
N ILE A 300 -8.60 -1.86 14.78
CA ILE A 300 -9.03 -0.96 13.72
C ILE A 300 -8.76 -1.57 12.35
N GLY A 301 -9.78 -1.67 11.52
CA GLY A 301 -9.63 -2.33 10.24
C GLY A 301 -10.84 -2.24 9.36
N ILE A 302 -10.73 -2.82 8.17
CA ILE A 302 -11.82 -2.78 7.20
C ILE A 302 -12.56 -4.11 7.16
N GLN A 303 -13.90 -4.02 7.20
CA GLN A 303 -14.76 -5.20 7.18
C GLN A 303 -14.33 -6.27 8.17
N LEU A 304 -14.02 -5.86 9.40
CA LEU A 304 -13.62 -6.80 10.44
C LEU A 304 -14.78 -7.67 10.91
N PRO A 305 -14.52 -8.97 11.14
CA PRO A 305 -15.58 -9.87 11.63
C PRO A 305 -15.75 -9.68 13.14
N GLU A 306 -16.43 -8.59 13.52
CA GLU A 306 -16.57 -8.21 14.93
C GLU A 306 -17.20 -9.33 15.75
N GLU A 307 -18.21 -9.96 15.18
CA GLU A 307 -18.92 -11.07 15.80
C GLU A 307 -17.95 -12.19 16.20
N GLU A 308 -17.18 -12.67 15.24
CA GLU A 308 -16.22 -13.75 15.49
C GLU A 308 -15.14 -13.34 16.48
N ILE A 309 -14.66 -12.11 16.34
CA ILE A 309 -13.63 -11.59 17.25
C ILE A 309 -14.13 -11.56 18.69
N ARG A 310 -15.32 -11.02 18.90
CA ARG A 310 -15.88 -10.94 20.24
C ARG A 310 -16.16 -12.33 20.81
N ALA A 311 -16.59 -13.25 19.96
CA ALA A 311 -16.85 -14.62 20.36
C ALA A 311 -15.55 -15.29 20.80
N ALA A 312 -14.48 -15.06 20.05
CA ALA A 312 -13.17 -15.63 20.34
C ALA A 312 -12.68 -15.27 21.73
N PHE A 313 -12.81 -14.00 22.10
CA PHE A 313 -12.40 -13.56 23.43
C PHE A 313 -13.36 -14.05 24.51
N ALA A 314 -14.65 -14.12 24.16
CA ALA A 314 -15.64 -14.61 25.09
C ALA A 314 -15.34 -16.06 25.46
N GLY A 315 -14.81 -16.82 24.50
CA GLY A 315 -14.51 -18.22 24.72
C GLY A 315 -13.32 -18.45 25.62
N LEU A 316 -12.58 -17.38 25.91
CA LEU A 316 -11.42 -17.47 26.79
C LEU A 316 -11.85 -17.47 28.26
N ARG A 317 -13.16 -17.37 28.47
CA ARG A 317 -13.73 -17.26 29.80
C ARG A 317 -13.83 -18.64 30.44
N LYS A 318 -13.38 -18.73 31.69
CA LYS A 318 -13.38 -20.01 32.40
C LYS A 318 -14.77 -20.43 32.84
N MET B 1 22.97 -18.95 -13.56
CA MET B 1 21.79 -18.66 -12.77
C MET B 1 20.60 -18.28 -13.65
N ASN B 2 19.44 -18.84 -13.32
CA ASN B 2 18.21 -18.48 -14.02
C ASN B 2 17.23 -17.85 -13.02
N PRO B 3 16.80 -16.61 -13.30
CA PRO B 3 15.90 -15.87 -12.40
C PRO B 3 14.60 -16.61 -12.16
N ILE B 4 14.10 -16.58 -10.94
CA ILE B 4 12.83 -17.18 -10.61
C ILE B 4 11.68 -16.31 -11.10
N ALA B 5 10.77 -16.89 -11.88
CA ALA B 5 9.62 -16.15 -12.42
C ALA B 5 8.54 -15.95 -11.37
N VAL B 6 8.19 -14.69 -11.13
CA VAL B 6 7.24 -14.34 -10.08
C VAL B 6 5.89 -13.92 -10.64
N THR B 7 4.84 -14.56 -10.15
CA THR B 7 3.48 -14.23 -10.53
C THR B 7 2.71 -13.74 -9.31
N LEU B 8 2.06 -12.59 -9.42
CA LEU B 8 1.19 -12.09 -8.37
C LEU B 8 -0.26 -12.41 -8.71
N LEU B 9 -0.93 -13.15 -7.83
CA LEU B 9 -2.33 -13.50 -8.04
C LEU B 9 -3.22 -12.62 -7.17
N THR B 10 -4.01 -11.76 -7.81
CA THR B 10 -4.81 -10.79 -7.08
C THR B 10 -6.28 -10.87 -7.49
N GLY B 11 -7.11 -10.01 -6.91
CA GLY B 11 -8.54 -10.02 -7.16
C GLY B 11 -9.30 -10.07 -5.84
N PHE B 12 -10.60 -9.80 -5.88
N PHE B 12 -10.59 -9.78 -5.89
CA PHE B 12 -11.41 -9.88 -4.68
CA PHE B 12 -11.38 -9.64 -4.66
C PHE B 12 -11.76 -11.33 -4.35
C PHE B 12 -11.87 -10.98 -4.13
N LEU B 13 -11.89 -11.62 -3.06
N LEU B 13 -12.58 -10.93 -3.00
CA LEU B 13 -12.08 -12.99 -2.57
CA LEU B 13 -13.04 -12.15 -2.33
C LEU B 13 -13.22 -13.73 -3.25
C LEU B 13 -14.02 -12.97 -3.15
N GLY B 14 -12.98 -15.01 -3.54
N GLY B 14 -13.79 -14.27 -3.22
CA GLY B 14 -13.98 -15.85 -4.18
CA GLY B 14 -14.67 -15.19 -3.92
C GLY B 14 -13.59 -17.32 -4.12
C GLY B 14 -14.51 -15.15 -5.43
N ALA B 15 -14.52 -18.18 -4.52
N ALA B 15 -13.32 -14.80 -5.88
CA ALA B 15 -14.29 -19.63 -4.51
CA ALA B 15 -13.05 -14.69 -7.31
C ALA B 15 -13.42 -20.05 -5.70
C ALA B 15 -12.67 -16.02 -7.94
N GLY B 16 -13.33 -19.18 -6.70
N GLY B 16 -12.58 -17.05 -7.12
CA GLY B 16 -12.54 -19.45 -7.88
CA GLY B 16 -12.20 -18.37 -7.59
C GLY B 16 -11.06 -19.56 -7.57
C GLY B 16 -10.75 -18.69 -7.26
N LYS B 17 -10.57 -18.66 -6.72
N LYS B 17 -10.28 -18.14 -6.15
CA LYS B 17 -9.17 -18.69 -6.30
CA LYS B 17 -8.90 -18.34 -5.73
C LYS B 17 -8.84 -19.97 -5.55
C LYS B 17 -8.67 -19.75 -5.20
N THR B 18 -9.70 -20.32 -4.59
CA THR B 18 -9.55 -21.54 -3.81
C THR B 18 -9.35 -22.79 -4.67
N THR B 19 -10.17 -22.94 -5.70
CA THR B 19 -10.04 -24.06 -6.63
C THR B 19 -8.66 -24.04 -7.31
N LEU B 20 -8.20 -22.85 -7.67
CA LEU B 20 -6.92 -22.69 -8.35
C LEU B 20 -5.74 -22.96 -7.42
N LEU B 21 -5.80 -22.40 -6.21
CA LEU B 21 -4.76 -22.60 -5.23
C LEU B 21 -4.68 -24.07 -4.79
N ARG B 22 -5.85 -24.70 -4.68
CA ARG B 22 -5.91 -26.12 -4.32
C ARG B 22 -5.23 -26.98 -5.39
N HIS B 23 -5.42 -26.59 -6.65
CA HIS B 23 -4.84 -27.32 -7.78
C HIS B 23 -3.32 -27.21 -7.75
N ILE B 24 -2.83 -26.01 -7.47
CA ILE B 24 -1.40 -25.75 -7.40
C ILE B 24 -0.73 -26.57 -6.27
N LEU B 25 -1.36 -26.54 -5.10
CA LEU B 25 -0.78 -27.14 -3.91
C LEU B 25 -0.90 -28.66 -3.85
N ASN B 26 -1.84 -29.22 -4.59
CA ASN B 26 -2.17 -30.64 -4.44
C ASN B 26 -1.87 -31.54 -5.63
N GLU B 27 -2.19 -31.07 -6.83
CA GLU B 27 -2.10 -31.93 -8.01
C GLU B 27 -0.69 -32.07 -8.55
N GLN B 28 -0.47 -33.09 -9.38
CA GLN B 28 0.82 -33.31 -10.01
C GLN B 28 0.83 -32.66 -11.38
N HIS B 29 0.85 -31.33 -11.38
CA HIS B 29 0.74 -30.53 -12.59
C HIS B 29 2.09 -30.34 -13.30
N GLY B 30 3.17 -30.77 -12.65
CA GLY B 30 4.49 -30.73 -13.26
C GLY B 30 5.22 -29.40 -13.13
N TYR B 31 4.60 -28.44 -12.46
CA TYR B 31 5.25 -27.16 -12.20
C TYR B 31 5.97 -27.19 -10.86
N LYS B 32 7.14 -26.55 -10.81
CA LYS B 32 7.87 -26.43 -9.56
C LYS B 32 7.62 -25.03 -8.99
N ILE B 33 6.53 -24.92 -8.24
CA ILE B 33 6.01 -23.64 -7.79
C ILE B 33 6.15 -23.46 -6.29
N ALA B 34 6.63 -22.29 -5.88
CA ALA B 34 6.56 -21.88 -4.49
C ALA B 34 5.39 -20.93 -4.35
N VAL B 35 4.56 -21.16 -3.34
CA VAL B 35 3.41 -20.29 -3.10
C VAL B 35 3.53 -19.55 -1.78
N ILE B 36 3.41 -18.23 -1.83
CA ILE B 36 3.31 -17.44 -0.62
C ILE B 36 1.87 -16.99 -0.42
N ALA B 37 1.30 -17.34 0.73
CA ALA B 37 -0.09 -17.01 1.03
C ALA B 37 -0.31 -16.93 2.54
N ASN B 38 -1.47 -16.42 2.94
CA ASN B 38 -1.80 -16.35 4.35
C ASN B 38 -2.24 -17.71 4.88
N GLU B 39 -3.26 -18.29 4.23
CA GLU B 39 -3.74 -19.61 4.59
C GLU B 39 -3.62 -20.58 3.42
N PHE B 40 -3.28 -21.83 3.74
CA PHE B 40 -3.17 -22.87 2.72
C PHE B 40 -4.29 -23.92 2.86
N GLY B 41 -4.63 -24.24 4.11
CA GLY B 41 -5.70 -25.19 4.37
C GLY B 41 -5.24 -26.63 4.34
N GLU B 42 -6.17 -27.55 4.08
CA GLU B 42 -5.87 -28.98 4.04
C GLU B 42 -4.97 -29.32 2.85
N VAL B 43 -3.67 -29.45 3.11
CA VAL B 43 -2.70 -29.76 2.07
C VAL B 43 -1.76 -30.88 2.53
N SER B 44 -1.28 -31.68 1.59
CA SER B 44 -0.41 -32.81 1.91
C SER B 44 1.05 -32.37 2.04
N VAL B 45 1.52 -32.31 3.28
CA VAL B 45 2.87 -31.81 3.57
C VAL B 45 3.89 -32.95 3.68
N ASP B 46 4.97 -32.84 2.91
CA ASP B 46 6.06 -33.81 3.01
C ASP B 46 7.00 -33.44 4.14
N ASP B 47 7.59 -32.25 4.07
CA ASP B 47 8.46 -31.77 5.13
C ASP B 47 8.22 -30.29 5.41
N GLN B 48 8.86 -29.78 6.45
CA GLN B 48 8.68 -28.39 6.85
C GLN B 48 9.96 -27.88 7.50
N LEU B 49 10.35 -26.66 7.16
CA LEU B 49 11.51 -26.03 7.78
C LEU B 49 11.22 -24.57 8.12
N ILE B 50 12.04 -23.99 8.98
CA ILE B 50 11.90 -22.59 9.34
C ILE B 50 13.15 -21.81 8.95
N GLY B 51 12.98 -20.80 8.10
CA GLY B 51 14.10 -19.99 7.62
C GLY B 51 14.73 -19.16 8.71
N ASP B 52 15.89 -18.58 8.42
CA ASP B 52 16.61 -17.76 9.39
C ASP B 52 15.80 -16.53 9.79
N ARG B 53 14.89 -16.12 8.92
CA ARG B 53 14.05 -14.96 9.17
C ARG B 53 12.63 -15.37 9.56
N ALA B 54 12.52 -16.57 10.12
CA ALA B 54 11.28 -17.11 10.69
C ALA B 54 10.20 -17.49 9.68
N THR B 55 10.56 -17.59 8.41
CA THR B 55 9.60 -18.00 7.39
C THR B 55 9.27 -19.49 7.52
N GLN B 56 7.98 -19.79 7.64
CA GLN B 56 7.53 -21.17 7.69
C GLN B 56 7.48 -21.71 6.26
N ILE B 57 8.38 -22.62 5.93
CA ILE B 57 8.47 -23.15 4.57
C ILE B 57 8.15 -24.64 4.55
N LYS B 58 7.04 -25.01 3.93
CA LYS B 58 6.63 -26.41 3.85
C LYS B 58 6.86 -26.95 2.45
N THR B 59 7.41 -28.16 2.37
CA THR B 59 7.53 -28.84 1.09
C THR B 59 6.38 -29.82 0.96
N LEU B 60 5.62 -29.70 -0.13
CA LEU B 60 4.43 -30.51 -0.30
C LEU B 60 4.73 -31.79 -1.08
N THR B 61 3.79 -32.72 -1.06
CA THR B 61 3.98 -34.02 -1.69
C THR B 61 4.12 -33.95 -3.21
N ASN B 62 3.46 -32.98 -3.83
CA ASN B 62 3.54 -32.81 -5.28
C ASN B 62 4.80 -32.07 -5.72
N GLY B 63 5.68 -31.76 -4.76
CA GLY B 63 6.94 -31.12 -5.06
C GLY B 63 6.94 -29.61 -4.90
N CYS B 64 5.74 -29.03 -4.83
CA CYS B 64 5.63 -27.58 -4.66
C CYS B 64 5.97 -27.16 -3.24
N ILE B 65 6.10 -25.85 -3.05
CA ILE B 65 6.49 -25.30 -1.76
C ILE B 65 5.42 -24.33 -1.25
N ALA B 66 5.06 -24.44 0.01
CA ALA B 66 4.13 -23.49 0.61
C ALA B 66 4.82 -22.69 1.71
N ALA B 67 4.95 -21.39 1.48
CA ALA B 67 5.64 -20.50 2.42
C ALA B 67 4.71 -19.43 2.97
N SER B 68 4.73 -19.24 4.29
CA SER B 68 3.94 -18.19 4.91
C SER B 68 4.63 -16.84 4.69
N ARG B 69 3.94 -15.77 5.05
CA ARG B 69 4.54 -14.45 5.00
C ARG B 69 4.22 -13.63 6.24
N SER B 70 5.14 -12.74 6.61
CA SER B 70 4.91 -11.81 7.70
C SER B 70 4.57 -10.46 7.08
N ASN B 71 4.72 -9.39 7.86
CA ASN B 71 4.49 -8.06 7.31
C ASN B 71 5.63 -7.65 6.38
N GLU B 72 6.76 -8.33 6.50
CA GLU B 72 7.89 -8.07 5.62
C GLU B 72 8.11 -9.18 4.60
N LEU B 73 7.63 -8.95 3.38
CA LEU B 73 7.74 -9.92 2.30
C LEU B 73 9.19 -10.26 1.97
N GLU B 74 10.09 -9.28 2.16
CA GLU B 74 11.53 -9.50 1.97
C GLU B 74 12.02 -10.74 2.71
N ASP B 75 11.58 -10.89 3.96
CA ASP B 75 12.02 -12.01 4.80
C ASP B 75 11.70 -13.37 4.18
N ALA B 76 10.50 -13.53 3.65
CA ALA B 76 10.11 -14.77 2.98
C ALA B 76 10.93 -14.97 1.71
N LEU B 77 11.09 -13.90 0.93
CA LEU B 77 11.84 -13.96 -0.32
C LEU B 77 13.29 -14.38 -0.09
N LEU B 78 13.90 -13.86 0.97
CA LEU B 78 15.30 -14.15 1.29
C LEU B 78 15.45 -15.55 1.92
N ASP B 79 14.48 -15.96 2.73
CA ASP B 79 14.51 -17.30 3.33
C ASP B 79 14.35 -18.37 2.25
N LEU B 80 13.53 -18.08 1.24
CA LEU B 80 13.37 -18.98 0.11
C LEU B 80 14.67 -19.12 -0.68
N LEU B 81 15.34 -17.99 -0.92
CA LEU B 81 16.62 -18.01 -1.63
C LEU B 81 17.68 -18.80 -0.85
N ASP B 82 17.79 -18.54 0.45
CA ASP B 82 18.75 -19.24 1.29
C ASP B 82 18.59 -20.75 1.17
N ASN B 83 17.36 -21.22 1.34
CA ASN B 83 17.09 -22.66 1.34
C ASN B 83 17.12 -23.29 -0.05
N LEU B 84 16.93 -22.46 -1.07
CA LEU B 84 17.10 -22.91 -2.44
C LEU B 84 18.58 -23.18 -2.69
N ASP B 85 19.43 -22.22 -2.33
CA ASP B 85 20.86 -22.33 -2.54
C ASP B 85 21.51 -23.40 -1.65
N LYS B 86 20.84 -23.73 -0.54
CA LYS B 86 21.33 -24.77 0.36
C LYS B 86 20.91 -26.15 -0.13
N GLY B 87 20.01 -26.18 -1.10
CA GLY B 87 19.54 -27.43 -1.66
C GLY B 87 18.43 -28.05 -0.85
N ASN B 88 17.88 -27.28 0.08
CA ASN B 88 16.80 -27.76 0.95
C ASN B 88 15.47 -27.84 0.22
N ILE B 89 15.27 -26.90 -0.70
CA ILE B 89 14.06 -26.83 -1.50
C ILE B 89 14.43 -26.57 -2.96
N GLN B 90 13.49 -26.85 -3.86
CA GLN B 90 13.69 -26.62 -5.29
C GLN B 90 12.42 -26.07 -5.93
N PHE B 91 12.56 -24.93 -6.61
CA PHE B 91 11.45 -24.32 -7.34
C PHE B 91 12.00 -23.30 -8.35
N ASP B 92 11.21 -22.98 -9.37
CA ASP B 92 11.61 -21.99 -10.36
C ASP B 92 10.49 -21.00 -10.70
N ARG B 93 9.34 -21.17 -10.05
CA ARG B 93 8.25 -20.21 -10.15
C ARG B 93 7.74 -19.84 -8.76
N LEU B 94 7.47 -18.56 -8.55
CA LEU B 94 6.89 -18.09 -7.30
C LEU B 94 5.54 -17.45 -7.56
N VAL B 95 4.51 -17.94 -6.88
CA VAL B 95 3.18 -17.35 -6.96
C VAL B 95 2.84 -16.70 -5.63
N ILE B 96 2.52 -15.41 -5.63
CA ILE B 96 2.17 -14.74 -4.40
C ILE B 96 0.69 -14.36 -4.40
N GLU B 97 -0.05 -14.85 -3.40
CA GLU B 97 -1.46 -14.51 -3.28
C GLU B 97 -1.62 -13.15 -2.62
N CYS B 98 -2.30 -12.25 -3.32
CA CYS B 98 -2.60 -10.94 -2.78
C CYS B 98 -4.02 -10.57 -3.13
N THR B 99 -4.94 -11.45 -2.75
CA THR B 99 -6.36 -11.24 -2.98
C THR B 99 -6.98 -10.48 -1.82
N GLY B 100 -8.29 -10.32 -1.84
CA GLY B 100 -8.98 -9.59 -0.79
C GLY B 100 -8.70 -8.10 -0.81
N MET B 101 -8.20 -7.58 0.30
CA MET B 101 -7.95 -6.15 0.42
C MET B 101 -6.50 -5.80 0.14
N ALA B 102 -5.72 -6.77 -0.33
CA ALA B 102 -4.30 -6.56 -0.54
C ALA B 102 -4.03 -5.61 -1.71
N ASP B 103 -3.01 -4.78 -1.55
CA ASP B 103 -2.60 -3.85 -2.58
C ASP B 103 -1.37 -4.44 -3.28
N PRO B 104 -1.50 -4.72 -4.59
CA PRO B 104 -0.38 -5.28 -5.36
C PRO B 104 0.83 -4.35 -5.44
N GLY B 105 0.62 -3.05 -5.26
CA GLY B 105 1.68 -2.06 -5.38
C GLY B 105 2.94 -2.33 -4.57
N PRO B 106 2.83 -2.33 -3.23
CA PRO B 106 3.98 -2.56 -2.34
C PRO B 106 4.62 -3.91 -2.57
N ILE B 107 3.82 -4.87 -3.03
CA ILE B 107 4.33 -6.20 -3.29
C ILE B 107 5.28 -6.18 -4.50
N ILE B 108 4.85 -5.51 -5.56
CA ILE B 108 5.68 -5.33 -6.74
C ILE B 108 6.99 -4.63 -6.38
N GLN B 109 6.90 -3.54 -5.61
CA GLN B 109 8.07 -2.76 -5.23
C GLN B 109 9.10 -3.57 -4.47
N THR B 110 8.64 -4.52 -3.65
CA THR B 110 9.53 -5.38 -2.88
C THR B 110 10.55 -6.06 -3.79
N PHE B 111 10.12 -6.42 -4.99
CA PHE B 111 11.00 -7.13 -5.94
C PHE B 111 12.04 -6.22 -6.59
N PHE B 112 11.95 -4.93 -6.35
CA PHE B 112 12.95 -3.98 -6.84
C PHE B 112 13.73 -3.34 -5.70
N SER B 113 13.45 -3.77 -4.46
CA SER B 113 13.99 -3.11 -3.27
C SER B 113 15.48 -3.32 -3.04
N HIS B 114 15.97 -4.52 -3.36
CA HIS B 114 17.36 -4.85 -3.14
C HIS B 114 17.95 -5.54 -4.36
N GLU B 115 19.25 -5.38 -4.56
CA GLU B 115 19.92 -5.90 -5.74
C GLU B 115 19.77 -7.41 -5.86
N VAL B 116 19.92 -8.12 -4.74
CA VAL B 116 19.80 -9.58 -4.75
C VAL B 116 18.42 -10.02 -5.25
N LEU B 117 17.40 -9.28 -4.85
CA LEU B 117 16.03 -9.57 -5.28
C LEU B 117 15.83 -9.23 -6.75
N CYS B 118 16.45 -8.14 -7.20
CA CYS B 118 16.38 -7.75 -8.61
C CYS B 118 17.05 -8.80 -9.51
N GLN B 119 18.10 -9.43 -8.99
CA GLN B 119 18.83 -10.43 -9.77
C GLN B 119 18.19 -11.81 -9.72
N ARG B 120 17.84 -12.28 -8.53
CA ARG B 120 17.37 -13.66 -8.33
C ARG B 120 15.89 -13.85 -8.69
N TYR B 121 15.10 -12.80 -8.56
CA TYR B 121 13.68 -12.86 -8.90
C TYR B 121 13.40 -12.00 -10.12
N LEU B 122 12.50 -12.47 -10.98
CA LEU B 122 12.07 -11.73 -12.15
C LEU B 122 10.55 -11.77 -12.24
N LEU B 123 9.91 -10.61 -12.07
CA LEU B 123 8.46 -10.52 -12.15
C LEU B 123 7.97 -10.91 -13.54
N ASP B 124 7.02 -11.84 -13.56
CA ASP B 124 6.39 -12.31 -14.78
C ASP B 124 5.20 -11.40 -15.08
N GLY B 125 4.23 -11.41 -14.17
CA GLY B 125 3.05 -10.60 -14.36
C GLY B 125 2.10 -10.56 -13.18
N VAL B 126 1.14 -9.65 -13.25
CA VAL B 126 0.07 -9.58 -12.28
C VAL B 126 -1.21 -10.11 -12.90
N ILE B 127 -1.79 -11.13 -12.25
CA ILE B 127 -3.01 -11.74 -12.72
C ILE B 127 -4.18 -11.32 -11.83
N ALA B 128 -5.20 -10.71 -12.42
CA ALA B 128 -6.37 -10.33 -11.65
C ALA B 128 -7.53 -11.29 -11.90
N LEU B 129 -8.00 -11.93 -10.83
CA LEU B 129 -9.20 -12.76 -10.91
C LEU B 129 -10.43 -11.89 -10.68
N VAL B 130 -11.39 -11.97 -11.58
CA VAL B 130 -12.59 -11.14 -11.48
C VAL B 130 -13.85 -11.98 -11.58
N ASP B 131 -14.69 -11.91 -10.55
CA ASP B 131 -15.96 -12.62 -10.49
C ASP B 131 -17.04 -11.77 -11.16
N ALA B 132 -17.55 -12.24 -12.30
CA ALA B 132 -18.50 -11.47 -13.09
C ALA B 132 -19.78 -11.11 -12.34
N VAL B 133 -20.14 -11.93 -11.36
CA VAL B 133 -21.37 -11.72 -10.61
C VAL B 133 -21.27 -10.55 -9.62
N HIS B 134 -20.14 -10.45 -8.93
CA HIS B 134 -20.01 -9.49 -7.84
C HIS B 134 -19.06 -8.33 -8.12
N ALA B 135 -18.38 -8.37 -9.27
CA ALA B 135 -17.33 -7.39 -9.57
C ALA B 135 -17.80 -5.93 -9.51
N ASP B 136 -18.93 -5.65 -10.13
CA ASP B 136 -19.48 -4.29 -10.15
C ASP B 136 -19.75 -3.78 -8.75
N GLU B 137 -20.38 -4.61 -7.91
CA GLU B 137 -20.68 -4.22 -6.54
C GLU B 137 -19.38 -3.98 -5.76
N GLN B 138 -18.42 -4.89 -5.94
CA GLN B 138 -17.13 -4.80 -5.24
C GLN B 138 -16.36 -3.54 -5.65
N MET B 139 -16.32 -3.26 -6.95
CA MET B 139 -15.59 -2.10 -7.45
C MET B 139 -16.26 -0.77 -7.08
N ASN B 140 -17.57 -0.79 -6.91
CA ASN B 140 -18.30 0.39 -6.47
C ASN B 140 -18.02 0.75 -5.01
N GLN B 141 -17.77 -0.26 -4.20
CA GLN B 141 -17.61 -0.05 -2.75
C GLN B 141 -16.15 0.15 -2.36
N PHE B 142 -15.26 -0.60 -2.98
CA PHE B 142 -13.85 -0.58 -2.60
C PHE B 142 -12.95 -0.15 -3.74
N THR B 143 -12.21 0.92 -3.52
CA THR B 143 -11.24 1.42 -4.49
C THR B 143 -10.23 0.34 -4.86
N ILE B 144 -9.81 -0.45 -3.88
CA ILE B 144 -8.76 -1.45 -4.10
C ILE B 144 -9.18 -2.53 -5.10
N ALA B 145 -10.48 -2.79 -5.20
CA ALA B 145 -11.00 -3.76 -6.18
C ALA B 145 -10.68 -3.30 -7.60
N GLN B 146 -10.79 -2.00 -7.83
CA GLN B 146 -10.41 -1.41 -9.12
C GLN B 146 -8.90 -1.37 -9.28
N SER B 147 -8.20 -1.05 -8.20
CA SER B 147 -6.74 -0.94 -8.24
C SER B 147 -6.10 -2.26 -8.62
N GLN B 148 -6.63 -3.35 -8.08
CA GLN B 148 -6.14 -4.68 -8.41
C GLN B 148 -6.27 -4.94 -9.92
N VAL B 149 -7.40 -4.54 -10.49
CA VAL B 149 -7.59 -4.65 -11.93
C VAL B 149 -6.62 -3.73 -12.69
N GLY B 150 -6.38 -2.54 -12.14
CA GLY B 150 -5.49 -1.57 -12.77
C GLY B 150 -4.04 -2.01 -12.83
N TYR B 151 -3.63 -2.80 -11.84
CA TYR B 151 -2.26 -3.31 -11.78
C TYR B 151 -2.03 -4.54 -12.67
N ALA B 152 -3.11 -5.12 -13.18
CA ALA B 152 -3.03 -6.42 -13.85
C ALA B 152 -2.33 -6.38 -15.19
N ASP B 153 -1.62 -7.47 -15.52
CA ASP B 153 -1.11 -7.68 -16.87
C ASP B 153 -2.05 -8.58 -17.63
N ARG B 154 -2.87 -9.32 -16.89
CA ARG B 154 -3.84 -10.24 -17.47
C ARG B 154 -5.04 -10.36 -16.54
N ILE B 155 -6.24 -10.25 -17.11
CA ILE B 155 -7.46 -10.32 -16.32
C ILE B 155 -8.24 -11.59 -16.63
N LEU B 156 -8.48 -12.40 -15.60
CA LEU B 156 -9.23 -13.63 -15.79
C LEU B 156 -10.66 -13.44 -15.28
N LEU B 157 -11.59 -13.33 -16.22
CA LEU B 157 -13.01 -13.10 -15.91
C LEU B 157 -13.80 -14.40 -15.84
N THR B 158 -14.26 -14.75 -14.65
CA THR B 158 -14.98 -16.00 -14.43
C THR B 158 -16.47 -15.78 -14.20
N LYS B 159 -17.23 -16.87 -14.32
CA LYS B 159 -18.65 -16.92 -13.96
C LYS B 159 -19.57 -16.07 -14.82
N THR B 160 -19.14 -15.73 -16.03
CA THR B 160 -19.98 -14.98 -16.94
C THR B 160 -21.17 -15.80 -17.41
N ASP B 161 -21.10 -17.12 -17.20
CA ASP B 161 -22.19 -18.01 -17.57
C ASP B 161 -23.42 -17.79 -16.71
N VAL B 162 -23.20 -17.49 -15.43
CA VAL B 162 -24.29 -17.25 -14.51
C VAL B 162 -24.61 -15.76 -14.35
N ALA B 163 -23.62 -14.91 -14.62
CA ALA B 163 -23.80 -13.48 -14.43
C ALA B 163 -24.71 -12.86 -15.50
N GLY B 164 -24.72 -13.47 -16.68
CA GLY B 164 -25.51 -12.94 -17.79
C GLY B 164 -24.68 -12.10 -18.73
N GLU B 165 -25.27 -11.01 -19.22
CA GLU B 165 -24.58 -10.11 -20.16
C GLU B 165 -23.29 -9.56 -19.55
N ALA B 166 -22.16 -10.08 -20.02
CA ALA B 166 -20.86 -9.73 -19.47
C ALA B 166 -20.31 -8.43 -20.04
N GLU B 167 -20.89 -7.98 -21.15
CA GLU B 167 -20.31 -6.87 -21.92
C GLU B 167 -20.20 -5.57 -21.13
N LYS B 168 -21.21 -5.26 -20.32
CA LYS B 168 -21.20 -4.07 -19.50
C LYS B 168 -19.98 -4.10 -18.57
N LEU B 169 -19.69 -5.29 -18.04
CA LEU B 169 -18.52 -5.48 -17.19
C LEU B 169 -17.23 -5.47 -18.01
N HIS B 170 -17.27 -6.10 -19.18
CA HIS B 170 -16.13 -6.11 -20.09
C HIS B 170 -15.68 -4.69 -20.42
N GLU B 171 -16.64 -3.82 -20.71
CA GLU B 171 -16.34 -2.43 -21.05
C GLU B 171 -15.72 -1.68 -19.87
N ARG B 172 -16.24 -1.93 -18.67
CA ARG B 172 -15.73 -1.28 -17.46
C ARG B 172 -14.29 -1.69 -17.17
N LEU B 173 -14.00 -2.97 -17.32
CA LEU B 173 -12.63 -3.46 -17.10
C LEU B 173 -11.66 -2.80 -18.08
N ALA B 174 -12.11 -2.58 -19.31
CA ALA B 174 -11.30 -1.94 -20.33
C ALA B 174 -11.04 -0.48 -20.03
N ARG B 175 -12.05 0.20 -19.49
CA ARG B 175 -11.90 1.61 -19.13
C ARG B 175 -10.90 1.77 -18.00
N ILE B 176 -10.93 0.84 -17.05
CA ILE B 176 -9.97 0.81 -15.95
C ILE B 176 -8.57 0.47 -16.43
N ASN B 177 -8.47 -0.60 -17.21
CA ASN B 177 -7.19 -1.13 -17.64
C ASN B 177 -7.23 -1.37 -19.14
N ALA B 178 -6.66 -0.45 -19.91
CA ALA B 178 -6.64 -0.59 -21.36
C ALA B 178 -5.45 -1.41 -21.82
N ARG B 179 -4.55 -1.72 -20.88
CA ARG B 179 -3.35 -2.52 -21.15
C ARG B 179 -3.63 -4.01 -21.23
N ALA B 180 -4.32 -4.51 -20.22
CA ALA B 180 -4.43 -5.94 -19.98
C ALA B 180 -5.56 -6.59 -20.75
N PRO B 181 -5.27 -7.69 -21.47
CA PRO B 181 -6.33 -8.46 -22.11
C PRO B 181 -7.23 -9.09 -21.05
N VAL B 182 -8.51 -9.24 -21.38
CA VAL B 182 -9.44 -9.91 -20.49
C VAL B 182 -9.73 -11.29 -21.06
N TYR B 183 -9.44 -12.33 -20.28
CA TYR B 183 -9.75 -13.70 -20.69
C TYR B 183 -11.06 -14.11 -20.01
N THR B 184 -12.06 -14.41 -20.82
CA THR B 184 -13.37 -14.77 -20.30
C THR B 184 -13.58 -16.27 -20.44
N VAL B 185 -13.41 -16.99 -19.34
CA VAL B 185 -13.65 -18.42 -19.33
C VAL B 185 -15.12 -18.71 -19.07
N THR B 186 -15.83 -19.14 -20.11
CA THR B 186 -17.27 -19.34 -20.02
C THR B 186 -17.58 -20.76 -19.54
N HIS B 187 -16.90 -21.74 -20.14
CA HIS B 187 -17.02 -23.12 -19.71
C HIS B 187 -15.66 -23.63 -19.24
N GLY B 188 -15.66 -24.45 -18.18
CA GLY B 188 -14.44 -25.02 -17.67
C GLY B 188 -13.79 -24.19 -16.57
N ASP B 189 -12.70 -24.71 -16.03
CA ASP B 189 -11.96 -24.01 -14.97
C ASP B 189 -10.82 -23.19 -15.55
N ILE B 190 -10.23 -22.34 -14.72
CA ILE B 190 -9.05 -21.59 -15.10
C ILE B 190 -7.84 -22.50 -15.22
N ASP B 191 -7.24 -22.54 -16.40
CA ASP B 191 -6.00 -23.29 -16.61
C ASP B 191 -4.88 -22.63 -15.82
N LEU B 192 -4.14 -23.43 -15.06
CA LEU B 192 -3.00 -22.94 -14.30
C LEU B 192 -2.01 -22.16 -15.18
N GLY B 193 -1.79 -22.66 -16.39
CA GLY B 193 -0.82 -22.05 -17.30
C GLY B 193 -1.16 -20.64 -17.73
N LEU B 194 -2.41 -20.24 -17.55
CA LEU B 194 -2.82 -18.87 -17.88
C LEU B 194 -2.27 -17.85 -16.89
N LEU B 195 -1.66 -18.30 -15.81
CA LEU B 195 -1.04 -17.39 -14.86
C LEU B 195 0.36 -16.97 -15.31
N PHE B 196 0.92 -17.74 -16.26
CA PHE B 196 2.34 -17.64 -16.57
C PHE B 196 2.67 -17.08 -17.95
N ASN B 197 3.90 -16.59 -18.08
CA ASN B 197 4.42 -16.06 -19.34
C ASN B 197 3.58 -14.92 -19.91
N THR B 198 3.21 -13.96 -19.06
CA THR B 198 2.43 -12.82 -19.51
C THR B 198 3.33 -11.80 -20.21
N ASN B 199 4.62 -11.86 -19.93
CA ASN B 199 5.58 -10.86 -20.40
C ASN B 199 5.18 -9.44 -19.99
N GLY B 200 4.44 -9.35 -18.89
CA GLY B 200 3.84 -8.09 -18.46
C GLY B 200 4.82 -7.03 -17.99
N PHE B 201 6.03 -7.45 -17.64
CA PHE B 201 7.03 -6.53 -17.12
C PHE B 201 8.20 -6.33 -18.09
N MET B 202 7.95 -6.66 -19.36
CA MET B 202 8.88 -6.37 -20.43
C MET B 202 8.44 -5.11 -21.16
N LEU B 203 9.37 -4.45 -21.83
CA LEU B 203 9.04 -3.32 -22.67
C LEU B 203 8.18 -3.79 -23.84
N GLU B 204 7.11 -3.06 -24.13
CA GLU B 204 6.17 -3.45 -25.17
C GLU B 204 5.98 -2.31 -26.15
N GLU B 205 5.76 -2.63 -27.42
CA GLU B 205 5.40 -1.61 -28.40
C GLU B 205 3.88 -1.48 -28.53
N ASN B 206 3.18 -2.58 -28.31
CA ASN B 206 1.72 -2.57 -28.34
C ASN B 206 1.17 -2.40 -26.94
N VAL B 207 1.23 -1.18 -26.42
CA VAL B 207 0.90 -0.94 -25.01
C VAL B 207 -0.60 -1.01 -24.72
N VAL B 208 -1.42 -0.80 -25.74
CA VAL B 208 -2.87 -0.86 -25.57
C VAL B 208 -3.45 -2.11 -26.22
N SER B 209 -4.21 -2.88 -25.45
CA SER B 209 -4.84 -4.08 -25.97
C SER B 209 -6.27 -3.81 -26.40
N THR B 210 -7.02 -3.13 -25.54
CA THR B 210 -8.41 -2.77 -25.86
C THR B 210 -8.51 -1.29 -26.20
N LYS B 211 -8.60 -0.98 -27.49
CA LYS B 211 -8.69 0.38 -27.99
C LYS B 211 -9.97 1.08 -27.48
N PRO B 212 -9.80 2.19 -26.75
CA PRO B 212 -10.89 2.95 -26.14
C PRO B 212 -11.88 3.50 -27.18
N ARG B 213 -13.17 3.43 -26.86
CA ARG B 213 -14.21 3.96 -27.73
C ARG B 213 -14.80 5.23 -27.14
N PHE B 214 -15.84 5.76 -27.79
CA PHE B 214 -16.47 7.00 -27.35
C PHE B 214 -17.73 6.76 -26.53
N HIS B 215 -17.61 6.85 -25.22
CA HIS B 215 -18.75 6.75 -24.31
C HIS B 215 -18.53 7.71 -23.14
N PHE B 216 -18.69 9.00 -23.42
CA PHE B 216 -18.34 10.07 -22.47
C PHE B 216 -19.08 9.96 -21.13
N ILE B 217 -20.34 9.56 -21.17
CA ILE B 217 -21.15 9.48 -19.95
C ILE B 217 -20.67 8.38 -19.01
N ALA B 218 -20.23 7.27 -19.58
CA ALA B 218 -19.84 6.10 -18.78
C ALA B 218 -18.34 6.05 -18.51
N ASP B 219 -17.57 6.83 -19.26
CA ASP B 219 -16.11 6.84 -19.12
C ASP B 219 -15.66 7.41 -17.77
N LYS B 220 -16.53 8.22 -17.18
CA LYS B 220 -16.22 8.84 -15.89
C LYS B 220 -16.94 8.14 -14.73
N GLN B 221 -17.18 6.84 -14.89
CA GLN B 221 -17.84 6.05 -13.86
C GLN B 221 -16.85 5.56 -12.81
N ASN B 222 -15.67 5.12 -13.26
CA ASN B 222 -14.65 4.58 -12.38
C ASN B 222 -13.72 5.65 -11.81
N ASP B 223 -13.14 5.36 -10.65
CA ASP B 223 -12.16 6.25 -10.04
C ASP B 223 -10.77 5.93 -10.58
N ILE B 224 -10.53 4.66 -10.88
CA ILE B 224 -9.30 4.25 -11.56
C ILE B 224 -9.60 4.12 -13.04
N SER B 225 -8.82 4.80 -13.87
CA SER B 225 -9.01 4.70 -15.31
C SER B 225 -7.70 4.78 -16.08
N SER B 226 -7.76 4.47 -17.36
CA SER B 226 -6.61 4.54 -18.24
C SER B 226 -6.71 5.81 -19.10
N ILE B 227 -5.60 6.51 -19.23
CA ILE B 227 -5.48 7.62 -20.17
C ILE B 227 -4.59 7.13 -21.31
N VAL B 228 -5.14 7.08 -22.50
CA VAL B 228 -4.38 6.66 -23.67
C VAL B 228 -4.00 7.89 -24.50
N VAL B 229 -2.71 8.08 -24.72
CA VAL B 229 -2.21 9.24 -25.46
C VAL B 229 -1.54 8.78 -26.75
N GLU B 230 -2.02 9.30 -27.88
CA GLU B 230 -1.48 8.98 -29.19
C GLU B 230 -0.91 10.24 -29.82
N LEU B 231 0.34 10.19 -30.23
CA LEU B 231 0.94 11.33 -30.92
C LEU B 231 1.35 10.93 -32.35
N ASP B 232 1.07 11.81 -33.30
CA ASP B 232 1.44 11.58 -34.69
C ASP B 232 2.62 12.47 -35.06
N TYR B 233 3.32 12.94 -34.05
CA TYR B 233 4.48 13.81 -34.24
C TYR B 233 5.64 13.36 -33.35
N PRO B 234 6.88 13.51 -33.83
CA PRO B 234 8.05 13.13 -33.03
C PRO B 234 8.30 14.17 -31.95
N VAL B 235 8.99 13.77 -30.89
CA VAL B 235 9.30 14.68 -29.80
C VAL B 235 10.79 14.68 -29.49
N ASP B 236 11.26 15.77 -28.89
CA ASP B 236 12.66 15.86 -28.49
C ASP B 236 12.92 15.02 -27.25
N ILE B 237 14.07 14.34 -27.24
CA ILE B 237 14.37 13.39 -26.18
C ILE B 237 14.58 14.08 -24.84
N SER B 238 15.13 15.30 -24.87
CA SER B 238 15.34 16.07 -23.64
C SER B 238 14.01 16.60 -23.13
N GLU B 239 13.18 17.09 -24.04
CA GLU B 239 11.90 17.69 -23.69
C GLU B 239 10.93 16.67 -23.09
N VAL B 240 10.74 15.56 -23.78
CA VAL B 240 9.82 14.52 -23.32
C VAL B 240 10.30 13.90 -22.01
N SER B 241 11.61 13.97 -21.77
CA SER B 241 12.17 13.49 -20.52
C SER B 241 11.71 14.38 -19.36
N ARG B 242 11.69 15.69 -19.61
CA ARG B 242 11.23 16.66 -18.61
C ARG B 242 9.74 16.51 -18.34
N VAL B 243 8.95 16.33 -19.40
CA VAL B 243 7.51 16.17 -19.29
C VAL B 243 7.17 14.96 -18.42
N MET B 244 7.79 13.83 -18.71
CA MET B 244 7.55 12.60 -17.95
C MET B 244 7.91 12.76 -16.48
N GLU B 245 9.08 13.31 -16.22
CA GLU B 245 9.54 13.47 -14.83
C GLU B 245 8.62 14.37 -14.03
N ASN B 246 8.14 15.45 -14.65
CA ASN B 246 7.17 16.33 -14.01
C ASN B 246 5.82 15.63 -13.80
N LEU B 247 5.38 14.90 -14.82
CA LEU B 247 4.13 14.15 -14.78
C LEU B 247 4.14 13.12 -13.65
N LEU B 248 5.17 12.29 -13.66
CA LEU B 248 5.29 11.21 -12.68
C LEU B 248 5.40 11.73 -11.26
N LEU B 249 6.09 12.85 -11.10
CA LEU B 249 6.27 13.44 -9.78
C LEU B 249 4.97 14.06 -9.29
N GLU B 250 4.17 14.57 -10.22
CA GLU B 250 2.91 15.24 -9.89
C GLU B 250 1.86 14.24 -9.42
N SER B 251 1.80 13.10 -10.09
CA SER B 251 0.77 12.10 -9.77
C SER B 251 1.38 10.84 -9.18
N ALA B 252 2.47 11.00 -8.43
CA ALA B 252 3.22 9.87 -7.88
C ALA B 252 2.36 8.92 -7.05
N ASP B 253 1.55 9.48 -6.18
CA ASP B 253 0.68 8.67 -5.32
C ASP B 253 -0.57 8.19 -6.04
N LYS B 254 -0.76 8.64 -7.28
CA LYS B 254 -1.97 8.32 -8.03
C LYS B 254 -1.73 7.24 -9.07
N LEU B 255 -0.51 7.18 -9.60
CA LEU B 255 -0.18 6.28 -10.69
C LEU B 255 0.02 4.83 -10.24
N LEU B 256 -0.65 3.91 -10.92
CA LEU B 256 -0.46 2.50 -10.63
C LEU B 256 0.59 1.95 -11.59
N ARG B 257 0.25 1.91 -12.88
CA ARG B 257 1.17 1.45 -13.90
C ARG B 257 1.02 2.27 -15.19
N TYR B 258 2.10 2.33 -15.96
CA TYR B 258 2.13 3.09 -17.20
C TYR B 258 3.19 2.54 -18.14
N LYS B 259 2.87 2.50 -19.43
CA LYS B 259 3.79 2.04 -20.46
C LYS B 259 3.63 2.88 -21.72
N GLY B 260 4.67 2.89 -22.55
CA GLY B 260 4.62 3.69 -23.76
C GLY B 260 5.66 3.34 -24.80
N MET B 261 5.36 3.73 -26.04
CA MET B 261 6.29 3.67 -27.15
C MET B 261 6.39 5.08 -27.69
N LEU B 262 7.61 5.59 -27.86
CA LEU B 262 7.77 6.99 -28.25
C LEU B 262 8.51 7.17 -29.57
N TRP B 263 8.02 8.08 -30.38
CA TRP B 263 8.71 8.52 -31.58
C TRP B 263 9.62 9.68 -31.19
N ILE B 264 10.93 9.42 -31.20
CA ILE B 264 11.89 10.44 -30.82
C ILE B 264 12.46 11.10 -32.08
N ASP B 265 12.51 12.43 -32.08
CA ASP B 265 12.96 13.19 -33.23
C ASP B 265 14.40 12.84 -33.62
N GLY B 266 14.58 12.34 -34.83
CA GLY B 266 15.90 12.03 -35.35
C GLY B 266 16.40 10.64 -35.05
N GLU B 267 15.59 9.85 -34.34
CA GLU B 267 15.97 8.50 -33.95
C GLU B 267 15.16 7.45 -34.70
N PRO B 268 15.84 6.52 -35.38
CA PRO B 268 15.21 5.50 -36.22
C PRO B 268 14.64 4.33 -35.43
N ASN B 269 14.99 4.23 -34.14
CA ASN B 269 14.49 3.14 -33.31
C ASN B 269 13.42 3.60 -32.34
N ARG B 270 12.48 2.70 -32.05
CA ARG B 270 11.43 2.98 -31.07
C ARG B 270 12.04 3.18 -29.69
N LEU B 271 11.49 4.11 -28.92
CA LEU B 271 11.83 4.25 -27.52
C LEU B 271 10.69 3.74 -26.67
N LEU B 272 10.94 2.68 -25.90
CA LEU B 272 9.92 2.07 -25.06
C LEU B 272 10.14 2.42 -23.60
N PHE B 273 9.06 2.62 -22.85
CA PHE B 273 9.17 2.80 -21.40
C PHE B 273 8.09 2.06 -20.63
N GLN B 274 8.33 1.90 -19.33
CA GLN B 274 7.36 1.28 -18.44
C GLN B 274 7.63 1.71 -17.01
N GLY B 275 6.58 1.76 -16.21
CA GLY B 275 6.73 2.14 -14.82
C GLY B 275 5.63 1.60 -13.92
N VAL B 276 5.93 1.49 -12.63
CA VAL B 276 4.96 1.11 -11.62
C VAL B 276 5.09 2.11 -10.49
N GLN B 277 4.03 2.86 -10.23
CA GLN B 277 4.07 3.95 -9.26
C GLN B 277 5.28 4.86 -9.51
N ARG B 278 6.21 4.89 -8.56
CA ARG B 278 7.38 5.78 -8.69
C ARG B 278 8.55 5.19 -9.49
N LEU B 279 8.56 3.89 -9.69
CA LEU B 279 9.67 3.23 -10.39
C LEU B 279 9.42 3.15 -11.89
N TYR B 280 10.26 3.82 -12.68
CA TYR B 280 10.12 3.81 -14.14
C TYR B 280 11.45 3.59 -14.85
N SER B 281 11.40 3.06 -16.07
CA SER B 281 12.60 2.80 -16.87
C SER B 281 12.30 2.84 -18.37
N ALA B 282 13.33 3.06 -19.19
CA ALA B 282 13.16 3.15 -20.64
C ALA B 282 14.35 2.60 -21.41
N ASP B 283 14.10 2.13 -22.64
CA ASP B 283 15.17 1.62 -23.50
C ASP B 283 14.76 1.58 -24.98
N TRP B 284 15.76 1.61 -25.87
CA TRP B 284 15.52 1.55 -27.31
C TRP B 284 15.20 0.13 -27.76
N ASP B 285 14.40 0.01 -28.82
CA ASP B 285 13.99 -1.31 -29.31
C ASP B 285 14.03 -1.39 -30.84
N ARG B 286 13.01 -2.00 -31.40
CA ARG B 286 12.94 -2.31 -32.83
C ARG B 286 12.95 -1.04 -33.68
N PRO B 287 13.75 -1.04 -34.77
CA PRO B 287 13.78 0.09 -35.70
C PRO B 287 12.44 0.28 -36.39
N TRP B 288 12.10 1.53 -36.72
CA TRP B 288 10.83 1.84 -37.35
C TRP B 288 10.66 1.14 -38.70
N GLY B 289 11.69 1.23 -39.54
CA GLY B 289 11.65 0.59 -40.85
C GLY B 289 10.67 1.26 -41.79
N ASP B 290 9.81 0.45 -42.40
CA ASP B 290 8.79 0.97 -43.31
C ASP B 290 7.50 1.30 -42.57
N GLU B 291 7.45 0.93 -41.30
CA GLU B 291 6.29 1.21 -40.47
C GLU B 291 6.19 2.70 -40.13
N LYS B 292 4.98 3.24 -40.15
CA LYS B 292 4.76 4.64 -39.85
C LYS B 292 5.04 4.95 -38.39
N PRO B 293 5.95 5.91 -38.14
CA PRO B 293 6.36 6.29 -36.78
C PRO B 293 5.24 6.99 -36.02
N HIS B 294 5.07 6.63 -34.75
CA HIS B 294 4.07 7.26 -33.89
C HIS B 294 4.34 6.94 -32.43
N SER B 295 3.69 7.67 -31.54
CA SER B 295 3.80 7.39 -30.11
C SER B 295 2.48 6.93 -29.51
N THR B 296 2.53 5.89 -28.69
CA THR B 296 1.35 5.43 -27.98
C THR B 296 1.72 5.23 -26.52
N MET B 297 0.96 5.86 -25.64
CA MET B 297 1.23 5.78 -24.20
C MET B 297 -0.06 5.48 -23.44
N VAL B 298 0.05 4.74 -22.35
CA VAL B 298 -1.08 4.47 -21.49
C VAL B 298 -0.73 4.70 -20.02
N PHE B 299 -1.55 5.50 -19.36
CA PHE B 299 -1.33 5.81 -17.95
C PHE B 299 -2.54 5.35 -17.15
N ILE B 300 -2.30 4.51 -16.15
CA ILE B 300 -3.36 3.96 -15.33
C ILE B 300 -3.20 4.46 -13.91
N GLY B 301 -4.24 5.08 -13.37
CA GLY B 301 -4.14 5.68 -12.06
C GLY B 301 -5.46 6.22 -11.55
N ILE B 302 -5.44 6.76 -10.34
CA ILE B 302 -6.63 7.31 -9.72
C ILE B 302 -6.63 8.84 -9.75
N GLN B 303 -7.76 9.40 -10.17
CA GLN B 303 -7.92 10.85 -10.26
C GLN B 303 -6.76 11.53 -10.98
N LEU B 304 -6.32 10.95 -12.09
CA LEU B 304 -5.22 11.52 -12.86
C LEU B 304 -5.68 12.80 -13.55
N PRO B 305 -4.82 13.82 -13.57
CA PRO B 305 -5.14 15.09 -14.25
C PRO B 305 -4.97 14.95 -15.76
N GLU B 306 -5.92 14.29 -16.40
CA GLU B 306 -5.85 13.97 -17.83
C GLU B 306 -5.62 15.22 -18.68
N GLU B 307 -6.35 16.28 -18.34
CA GLU B 307 -6.24 17.56 -19.03
C GLU B 307 -4.79 18.05 -19.09
N GLU B 308 -4.16 18.16 -17.92
CA GLU B 308 -2.79 18.63 -17.83
C GLU B 308 -1.82 17.71 -18.53
N ILE B 309 -2.03 16.41 -18.39
CA ILE B 309 -1.19 15.40 -19.03
C ILE B 309 -1.22 15.55 -20.56
N ARG B 310 -2.42 15.66 -21.11
CA ARG B 310 -2.56 15.82 -22.56
C ARG B 310 -1.99 17.14 -23.05
N ALA B 311 -2.14 18.20 -22.25
CA ALA B 311 -1.58 19.50 -22.60
C ALA B 311 -0.06 19.45 -22.61
N ALA B 312 0.52 18.79 -21.61
CA ALA B 312 1.96 18.65 -21.49
C ALA B 312 2.57 18.02 -22.74
N PHE B 313 1.97 16.92 -23.22
CA PHE B 313 2.45 16.28 -24.44
C PHE B 313 2.15 17.09 -25.69
N ALA B 314 1.03 17.79 -25.68
CA ALA B 314 0.66 18.63 -26.81
C ALA B 314 1.69 19.72 -27.01
N GLY B 315 2.27 20.20 -25.90
CA GLY B 315 3.24 21.26 -25.93
C GLY B 315 4.59 20.83 -26.49
N LEU B 316 4.77 19.52 -26.65
CA LEU B 316 6.01 18.97 -27.20
C LEU B 316 6.05 19.11 -28.71
N ARG B 317 4.97 19.64 -29.27
CA ARG B 317 4.83 19.79 -30.70
C ARG B 317 5.58 21.03 -31.17
N LYS B 318 6.34 20.89 -32.24
CA LYS B 318 7.08 22.03 -32.80
C LYS B 318 6.26 22.77 -33.85
ZN ZN C . 14.77 -3.76 2.58
ZN ZN D . -17.08 15.92 19.74
ZN ZN E . -10.59 31.89 17.07
S SO4 F . 18.55 -6.81 8.43
O1 SO4 F . 19.51 -7.83 8.84
O2 SO4 F . 19.26 -5.71 7.76
O3 SO4 F . 17.60 -7.41 7.50
O4 SO4 F . 17.84 -6.31 9.60
S SO4 G . 21.03 -3.15 -1.75
O1 SO4 G . 22.43 -2.74 -1.79
O2 SO4 G . 20.76 -3.93 -0.56
O3 SO4 G . 20.18 -1.95 -1.75
O4 SO4 G . 20.72 -3.94 -2.95
#